data_9F6K
#
_entry.id   9F6K
#
_cell.length_a   1.00
_cell.length_b   1.00
_cell.length_c   1.00
_cell.angle_alpha   90.00
_cell.angle_beta   90.00
_cell.angle_gamma   90.00
#
_symmetry.space_group_name_H-M   'P 1'
#
loop_
_entity.id
_entity.type
_entity.pdbx_description
1 polymer 'DNA polymerase epsilon catalytic subunit A'
2 polymer 'DNA nascent strand'
3 polymer 'DNA template strand'
4 non-polymer 'IRON/SULFUR CLUSTER'
#
loop_
_entity_poly.entity_id
_entity_poly.type
_entity_poly.pdbx_seq_one_letter_code
_entity_poly.pdbx_strand_id
1 'polypeptide(L)'
;MSLRSGGRRRADPGADGEASRDDGATSSVSALKRLERSQWTDKMDLRFGFERLKEPGEKTGWLINMHPTEILDEDKRLGS
AVDYYFIQDDGSRFKVALPYKPYFYIATRKGCEREVSSFLSKKFQGKIAKVETVPKEDLDLPNHLVGLKRNYIRLSFHTV
EDLVKVRKEISPAVKKNREQDHASDAYTALLSSVLQRGGVITDEEETSKKIADQLDNIVDMREYDVPYHIRLSIDLKIHV
AHWYNVRYRGNAFPVEITRRDDLVERPDPVVLAFDIETTKLPLKFPDAETDQIMMISYMIDGQGYLITNREIVSEDIEDF
EFTPKPEYEGPFCVFNEPDEAHLIQRWFEHVQETKPTIMVTYNGDFFDWPFVEARAAVHGLSMQQEIGFQKDSQGEYKAP
QCIHMDCLRWVKRDSYLPVGSHNLKAAAKAKLGYDPVELDPEDMCRMATEQPQTLATYSVSDAVATYYLYMKYVHPFIFA
LCTIIPMEPDEVLRKGSGTLCEALLMVQAFHANIIFPNKQEQEFNKLTDDGHVLDSETYVGGHVEALESGVFRSDIPCRF
RMNPAAFDFLLQRVEKTLRHALEEEEKVPVEQVTNFEEVCDEIKSKLASLKDVPSRIECPLIYHLDVGAMYPNIILTNRL
QPSAMVDEATCAACDFNKPGANCQRKMAWQWRGEFMPASRSEYHRIQHQLESEKFPPLFPEGPARAFHELSREEQAKYEK
RRLADYCRKAYKKIHITKVEERLTTICQRENSFYVDTVRAFRDRRYEFKGLHKVWKKKLSAAVEVGDAAEVKRCKNMEVL
YDSLQLAHKCILNSFYGYVMRKGARWYSMEMAGIVCFTGANIITQARELIEQIGRPLELDTDGIWCVLPNSFPENFVFKT
TNVKKPKVTISYPGAMLNIMVKEGFTNDQYQELAEPSSLTYVTRSENSIFFEVDGPYLAMILPASKEEGKKLKKRYAVFN
EDGSLAELKGFEVKRRGELQLIKIFQSSVFEAFLKGSTLEEVYGSVAKVADYWLDVLYSKAANMPDSELFELISENRSMS
RKLEDYGEQKSTSISTAKRLAEFLGDQMVKDAGLSCRYIISRKPEGSPVTERAIPLAIFQAEPTVRKHFLRKWLKSSSLQ
DFDIRAILDWDYYIERLGSAIQKIITIPAALQQVKNPVPRVKHPDWLHKKLLEKNDVYKQKKISELFTLEGRRQVTMAEA
;
A
2 'polydeoxyribonucleotide'
;(DT)(DT)(DT)(DT)(DT)(DT)(DT)(DT)(DA)(DT)(DC)(DT)(DG)(DA)(DA)(DG)(DT)(DT)(DC)(DG)
(DA)(DA)(DT)(DC)(DC)(DT)(DG)(DG)(DA)(DT)(DC)
;
P
3 'polydeoxyribonucleotide'
;(DT)(DT)(DT)(DT)(DT)(DT)(DT)(DT)(DA)(DT)(DC)(DC)(DA)(DG)(DG)(DA)(DT)(DT)(DC)(DG)
(DA)(DA)(DC)(DT)(DT)(DC)(DA)(DG)(DA)(DT)(DC)
;
T
#
loop_
_chem_comp.id
_chem_comp.type
_chem_comp.name
_chem_comp.formula
DA DNA linking 2'-DEOXYADENOSINE-5'-MONOPHOSPHATE 'C10 H14 N5 O6 P'
DC DNA linking 2'-DEOXYCYTIDINE-5'-MONOPHOSPHATE 'C9 H14 N3 O7 P'
DG DNA linking 2'-DEOXYGUANOSINE-5'-MONOPHOSPHATE 'C10 H14 N5 O7 P'
DT DNA linking THYMIDINE-5'-MONOPHOSPHATE 'C10 H15 N2 O8 P'
SF4 non-polymer 'IRON/SULFUR CLUSTER' 'Fe4 S4'
#
# COMPACT_ATOMS: atom_id res chain seq x y z
N SER A 27 -18.22 37.45 14.98
CA SER A 27 -16.94 36.75 15.03
C SER A 27 -16.38 36.75 16.44
N SER A 28 -16.64 37.83 17.17
CA SER A 28 -16.19 37.91 18.56
C SER A 28 -16.82 36.82 19.40
N VAL A 29 -18.10 36.51 19.16
CA VAL A 29 -18.75 35.40 19.86
C VAL A 29 -18.17 34.07 19.41
N SER A 30 -17.89 33.94 18.10
CA SER A 30 -17.23 32.73 17.61
C SER A 30 -15.87 32.53 18.24
N ALA A 31 -15.07 33.59 18.32
CA ALA A 31 -13.82 33.55 19.07
C ALA A 31 -14.02 33.17 20.52
N LEU A 32 -15.06 33.71 21.17
CA LEU A 32 -15.38 33.29 22.53
C LEU A 32 -15.71 31.81 22.62
N LYS A 33 -16.42 31.26 21.64
CA LYS A 33 -16.64 29.82 21.58
C LYS A 33 -15.35 29.04 21.43
N ARG A 34 -14.41 29.56 20.64
CA ARG A 34 -13.10 28.91 20.53
C ARG A 34 -12.30 29.00 21.82
N LEU A 35 -12.43 30.09 22.56
CA LEU A 35 -11.86 30.18 23.91
C LEU A 35 -12.53 29.21 24.88
N GLU A 36 -13.82 28.98 24.73
CA GLU A 36 -14.49 27.95 25.54
C GLU A 36 -13.97 26.55 25.19
N ARG A 37 -13.80 26.26 23.90
CA ARG A 37 -13.15 25.02 23.50
C ARG A 37 -11.76 24.90 24.13
N SER A 38 -10.99 25.98 24.12
CA SER A 38 -9.66 25.96 24.71
C SER A 38 -9.71 25.65 26.20
N GLN A 39 -10.57 26.37 26.93
CA GLN A 39 -10.77 26.11 28.35
C GLN A 39 -11.14 24.65 28.61
N TRP A 40 -12.08 24.11 27.83
CA TRP A 40 -12.47 22.70 27.97
C TRP A 40 -11.30 21.75 27.72
N THR A 41 -10.48 22.04 26.71
CA THR A 41 -9.32 21.19 26.46
C THR A 41 -8.30 21.29 27.59
N ASP A 42 -8.11 22.47 28.16
CA ASP A 42 -7.25 22.59 29.33
C ASP A 42 -7.81 21.80 30.51
N LYS A 43 -9.14 21.84 30.68
CA LYS A 43 -9.78 21.04 31.71
C LYS A 43 -9.47 19.56 31.55
N MET A 44 -9.60 19.06 30.32
CA MET A 44 -9.30 17.64 30.09
C MET A 44 -7.82 17.35 30.31
N ASP A 45 -6.93 18.23 29.82
CA ASP A 45 -5.51 17.98 30.00
C ASP A 45 -5.15 17.95 31.47
N LEU A 46 -5.79 18.80 32.28
CA LEU A 46 -5.64 18.71 33.72
C LEU A 46 -6.12 17.36 34.24
N ARG A 47 -7.22 16.85 33.70
CA ARG A 47 -7.70 15.54 34.13
C ARG A 47 -6.69 14.45 33.79
N PHE A 48 -5.96 14.59 32.68
CA PHE A 48 -4.91 13.65 32.30
C PHE A 48 -3.52 14.09 32.75
N GLY A 49 -3.42 15.13 33.57
CA GLY A 49 -2.15 15.51 34.15
C GLY A 49 -1.23 16.27 33.22
N PHE A 50 -1.67 16.61 32.01
CA PHE A 50 -0.92 17.49 31.12
C PHE A 50 -1.11 18.95 31.53
N GLU A 51 -0.68 19.25 32.76
CA GLU A 51 -0.73 20.62 33.25
C GLU A 51 0.27 21.48 32.49
N ARG A 52 -0.20 22.63 32.00
CA ARG A 52 0.64 23.49 31.19
C ARG A 52 1.83 24.00 32.00
N LEU A 53 2.92 24.26 31.30
CA LEU A 53 4.05 24.98 31.89
C LEU A 53 3.68 26.42 32.18
N LYS A 54 4.05 26.89 33.38
CA LYS A 54 3.82 28.26 33.81
C LYS A 54 5.09 28.97 34.25
N GLU A 55 6.10 28.22 34.69
CA GLU A 55 7.18 28.76 35.51
C GLU A 55 8.45 28.90 34.69
N PRO A 56 9.13 30.05 34.75
CA PRO A 56 10.45 30.16 34.12
C PRO A 56 11.37 29.03 34.53
N GLY A 57 12.12 28.51 33.55
CA GLY A 57 13.01 27.39 33.79
C GLY A 57 13.22 26.61 32.50
N GLU A 58 14.05 25.58 32.62
CA GLU A 58 14.32 24.67 31.51
C GLU A 58 14.13 23.22 31.91
N LYS A 59 13.68 22.43 30.93
CA LYS A 59 13.33 21.04 31.14
C LYS A 59 13.68 20.26 29.86
N THR A 60 13.77 18.94 30.00
CA THR A 60 14.07 18.05 28.89
C THR A 60 12.99 16.99 28.78
N GLY A 61 12.76 16.51 27.58
CA GLY A 61 11.65 15.58 27.39
C GLY A 61 11.57 15.06 25.97
N TRP A 62 10.54 14.25 25.76
CA TRP A 62 10.29 13.58 24.50
C TRP A 62 8.99 14.11 23.89
N LEU A 63 9.07 14.56 22.63
CA LEU A 63 8.06 15.42 21.99
C LEU A 63 6.95 14.56 21.38
N ILE A 64 6.11 14.02 22.25
CA ILE A 64 5.25 12.93 21.81
C ILE A 64 4.17 13.37 20.82
N ASN A 65 3.64 14.58 20.95
CA ASN A 65 2.51 14.96 20.11
C ASN A 65 2.35 16.47 20.08
N MET A 66 1.61 16.96 19.08
CA MET A 66 1.41 18.39 18.92
C MET A 66 0.10 18.65 18.18
N HIS A 67 -0.49 19.81 18.45
CA HIS A 67 -1.74 20.24 17.86
C HIS A 67 -1.68 21.74 17.59
N PRO A 68 -2.48 22.24 16.65
CA PRO A 68 -2.70 23.69 16.56
C PRO A 68 -3.74 24.19 17.54
N THR A 69 -3.51 25.40 18.06
CA THR A 69 -4.54 26.12 18.81
C THR A 69 -4.20 27.60 18.80
N GLU A 70 -5.23 28.43 18.93
CA GLU A 70 -5.08 29.88 18.93
C GLU A 70 -5.19 30.43 20.34
N ILE A 71 -4.33 31.39 20.67
CA ILE A 71 -4.06 31.81 22.04
C ILE A 71 -4.18 33.32 22.15
N LEU A 72 -4.72 33.79 23.27
CA LEU A 72 -4.82 35.20 23.57
C LEU A 72 -3.49 35.72 24.08
N ASP A 73 -2.98 36.80 23.48
CA ASP A 73 -1.77 37.45 23.93
C ASP A 73 -2.06 38.49 25.03
N GLU A 74 -1.00 39.12 25.52
CA GLU A 74 -1.12 40.13 26.57
C GLU A 74 -1.80 41.40 26.10
N ASP A 75 -1.89 41.62 24.79
CA ASP A 75 -2.70 42.70 24.24
C ASP A 75 -4.15 42.29 24.06
N LYS A 76 -4.51 41.07 24.47
CA LYS A 76 -5.85 40.54 24.30
C LYS A 76 -6.24 40.50 22.82
N ARG A 77 -5.26 40.18 21.97
CA ARG A 77 -5.51 39.87 20.58
C ARG A 77 -5.41 38.36 20.42
N LEU A 78 -6.44 37.74 19.87
CA LEU A 78 -6.40 36.31 19.60
C LEU A 78 -5.46 36.02 18.43
N GLY A 79 -4.49 35.14 18.66
CA GLY A 79 -3.51 34.83 17.64
C GLY A 79 -3.28 33.34 17.54
N SER A 80 -2.93 32.90 16.33
CA SER A 80 -2.70 31.49 16.06
C SER A 80 -1.45 31.00 16.78
N ALA A 81 -1.46 29.73 17.18
CA ALA A 81 -0.35 29.14 17.90
C ALA A 81 -0.35 27.63 17.68
N VAL A 82 0.75 26.99 18.04
CA VAL A 82 0.85 25.54 18.03
C VAL A 82 1.19 25.03 19.43
N ASP A 83 0.77 23.80 19.71
CA ASP A 83 0.78 23.23 21.06
C ASP A 83 1.56 21.94 21.04
N TYR A 84 2.66 21.88 21.81
CA TYR A 84 3.56 20.73 21.83
C TYR A 84 3.42 19.99 23.15
N TYR A 85 3.27 18.66 23.06
CA TYR A 85 3.12 17.79 24.21
C TYR A 85 4.43 17.05 24.48
N PHE A 86 4.83 17.02 25.75
CA PHE A 86 6.09 16.41 26.14
C PHE A 86 5.83 15.38 27.22
N ILE A 87 6.71 14.37 27.28
CA ILE A 87 6.77 13.42 28.36
C ILE A 87 8.20 13.33 28.86
N GLN A 88 8.37 13.23 30.17
CA GLN A 88 9.70 13.11 30.75
C GLN A 88 10.15 11.65 30.75
N ASP A 89 11.33 11.41 31.34
CA ASP A 89 11.77 10.06 31.63
C ASP A 89 10.98 9.44 32.77
N ASP A 90 10.56 10.25 33.75
CA ASP A 90 9.53 9.84 34.68
C ASP A 90 8.15 10.06 34.07
N GLY A 91 7.12 9.67 34.82
CA GLY A 91 5.75 9.76 34.37
C GLY A 91 5.23 11.18 34.21
N SER A 92 5.99 12.18 34.62
CA SER A 92 5.50 13.55 34.50
C SER A 92 5.45 13.99 33.04
N ARG A 93 4.60 14.98 32.78
CA ARG A 93 4.18 15.36 31.44
C ARG A 93 4.01 16.87 31.42
N PHE A 94 4.15 17.49 30.25
CA PHE A 94 3.89 18.92 30.20
C PHE A 94 3.55 19.35 28.77
N LYS A 95 3.07 20.59 28.67
CA LYS A 95 2.70 21.19 27.38
C LYS A 95 3.29 22.58 27.28
N VAL A 96 3.61 22.98 26.05
CA VAL A 96 4.10 24.33 25.78
C VAL A 96 3.56 24.81 24.43
N ALA A 97 3.36 26.11 24.30
CA ALA A 97 2.73 26.65 23.09
C ALA A 97 3.56 27.77 22.50
N LEU A 98 3.65 27.77 21.16
CA LEU A 98 4.42 28.71 20.36
C LEU A 98 3.49 29.58 19.53
N PRO A 99 3.60 30.92 19.62
CA PRO A 99 2.93 31.79 18.65
C PRO A 99 3.76 32.01 17.39
N TYR A 100 3.16 31.88 16.21
CA TYR A 100 3.91 32.11 14.97
C TYR A 100 2.95 32.46 13.85
N LYS A 101 3.16 33.63 13.24
CA LYS A 101 2.23 34.21 12.28
C LYS A 101 2.36 33.56 10.90
N PRO A 102 1.30 33.01 10.33
CA PRO A 102 1.41 32.44 8.98
C PRO A 102 1.64 33.51 7.93
N TYR A 103 2.09 33.08 6.75
CA TYR A 103 2.37 34.00 5.66
C TYR A 103 2.06 33.34 4.33
N PHE A 104 1.82 34.17 3.31
CA PHE A 104 1.80 33.71 1.93
C PHE A 104 2.36 34.80 1.01
N TYR A 105 2.77 34.37 -0.19
CA TYR A 105 3.51 35.21 -1.13
C TYR A 105 2.62 35.61 -2.29
N ILE A 106 2.80 36.84 -2.77
CA ILE A 106 2.24 37.30 -4.04
C ILE A 106 3.34 37.85 -4.93
N ALA A 107 3.26 37.56 -6.22
CA ALA A 107 4.14 38.17 -7.20
C ALA A 107 3.66 39.59 -7.52
N THR A 108 4.33 40.23 -8.47
CA THR A 108 3.84 41.49 -9.03
C THR A 108 4.29 41.60 -10.48
N ARG A 109 3.58 42.44 -11.23
CA ARG A 109 4.15 43.04 -12.43
C ARG A 109 5.33 43.95 -12.09
N LYS A 110 6.11 44.28 -13.12
CA LYS A 110 7.27 45.14 -12.96
C LYS A 110 6.93 46.44 -12.24
N GLY A 111 7.85 46.86 -11.36
CA GLY A 111 7.81 48.16 -10.72
C GLY A 111 6.64 48.43 -9.79
N CYS A 112 5.84 47.41 -9.51
CA CYS A 112 4.60 47.61 -8.76
C CYS A 112 4.80 47.58 -7.25
N GLU A 113 5.90 46.98 -6.78
CA GLU A 113 5.90 46.40 -5.43
C GLU A 113 5.62 47.46 -4.36
N ARG A 114 6.27 48.62 -4.45
CA ARG A 114 6.07 49.65 -3.44
C ARG A 114 4.65 50.21 -3.49
N GLU A 115 4.17 50.55 -4.68
CA GLU A 115 2.81 51.04 -4.84
C GLU A 115 1.79 50.01 -4.38
N VAL A 116 1.92 48.77 -4.84
CA VAL A 116 1.02 47.70 -4.42
C VAL A 116 1.05 47.53 -2.90
N SER A 117 2.24 47.59 -2.30
CA SER A 117 2.33 47.53 -0.84
C SER A 117 1.53 48.64 -0.18
N SER A 118 1.63 49.86 -0.70
CA SER A 118 0.85 50.97 -0.15
C SER A 118 -0.64 50.77 -0.35
N PHE A 119 -1.03 50.14 -1.46
CA PHE A 119 -2.44 49.86 -1.69
C PHE A 119 -2.95 48.82 -0.71
N LEU A 120 -2.24 47.71 -0.56
CA LEU A 120 -2.70 46.66 0.35
C LEU A 120 -2.79 47.19 1.78
N SER A 121 -1.75 47.91 2.22
CA SER A 121 -1.76 48.43 3.58
C SER A 121 -2.85 49.48 3.81
N LYS A 122 -3.19 50.27 2.80
CA LYS A 122 -4.39 51.11 2.89
C LYS A 122 -5.67 50.27 2.94
N LYS A 123 -5.76 49.24 2.11
CA LYS A 123 -6.99 48.47 1.94
C LYS A 123 -7.30 47.60 3.16
N PHE A 124 -6.28 46.99 3.76
CA PHE A 124 -6.49 45.95 4.75
C PHE A 124 -5.88 46.29 6.11
N GLN A 125 -5.85 47.57 6.45
CA GLN A 125 -5.33 47.98 7.75
C GLN A 125 -6.03 47.22 8.87
N GLY A 126 -5.27 46.85 9.89
CA GLY A 126 -5.77 46.03 10.97
C GLY A 126 -6.05 44.59 10.61
N LYS A 127 -5.91 44.21 9.34
CA LYS A 127 -6.21 42.86 8.89
C LYS A 127 -5.01 42.16 8.25
N ILE A 128 -3.90 42.87 8.03
CA ILE A 128 -2.62 42.25 7.73
C ILE A 128 -1.58 42.82 8.68
N ALA A 129 -0.63 41.98 9.10
CA ALA A 129 0.32 42.35 10.13
C ALA A 129 1.59 42.99 9.56
N LYS A 130 2.15 42.40 8.51
CA LYS A 130 3.38 42.96 7.94
C LYS A 130 3.50 42.57 6.48
N VAL A 131 4.18 43.42 5.71
CA VAL A 131 4.40 43.24 4.29
C VAL A 131 5.89 43.42 4.02
N GLU A 132 6.45 42.57 3.17
CA GLU A 132 7.91 42.49 3.05
C GLU A 132 8.30 42.09 1.63
N THR A 133 9.45 42.57 1.19
CA THR A 133 9.98 42.30 -0.14
C THR A 133 11.13 41.30 -0.02
N VAL A 134 11.04 40.17 -0.73
CA VAL A 134 12.08 39.14 -0.65
C VAL A 134 12.39 38.58 -2.04
N PRO A 135 13.65 38.50 -2.44
CA PRO A 135 14.00 37.78 -3.67
C PRO A 135 14.14 36.29 -3.42
N LYS A 136 13.79 35.51 -4.44
CA LYS A 136 13.77 34.05 -4.28
C LYS A 136 14.26 33.37 -5.54
N GLU A 137 14.67 32.11 -5.37
CA GLU A 137 15.06 31.22 -6.46
C GLU A 137 13.82 30.65 -7.15
N ASP A 138 13.45 31.24 -8.28
CA ASP A 138 12.52 30.59 -9.18
C ASP A 138 13.19 29.40 -9.88
N LEU A 139 12.35 28.51 -10.44
CA LEU A 139 12.84 27.42 -11.28
C LEU A 139 12.62 27.65 -12.76
N ASP A 140 11.64 28.46 -13.14
CA ASP A 140 11.22 28.58 -14.53
C ASP A 140 11.69 29.87 -15.19
N LEU A 141 12.39 30.72 -14.47
CA LEU A 141 12.78 32.02 -15.01
C LEU A 141 13.81 31.84 -16.13
N PRO A 142 13.60 32.44 -17.30
CA PRO A 142 14.58 32.34 -18.37
C PRO A 142 15.97 32.82 -17.95
N ASN A 143 16.97 32.36 -18.70
CA ASN A 143 18.37 32.58 -18.37
C ASN A 143 18.68 32.15 -16.94
N HIS A 144 18.07 31.04 -16.53
CA HIS A 144 18.00 30.67 -15.12
C HIS A 144 19.38 30.58 -14.49
N LEU A 145 20.21 29.67 -15.02
CA LEU A 145 21.43 29.24 -14.34
C LEU A 145 22.57 30.24 -14.37
N VAL A 146 22.43 31.37 -15.08
CA VAL A 146 23.41 32.44 -14.88
C VAL A 146 23.37 32.95 -13.45
N GLY A 147 22.20 32.92 -12.82
CA GLY A 147 22.09 33.25 -11.41
C GLY A 147 21.01 34.26 -11.09
N LEU A 148 20.16 34.55 -12.06
CA LEU A 148 19.10 35.53 -11.86
C LEU A 148 17.99 34.97 -10.96
N LYS A 149 17.19 35.88 -10.43
CA LYS A 149 16.13 35.54 -9.49
C LYS A 149 15.10 36.66 -9.52
N ARG A 150 13.90 36.36 -9.01
CA ARG A 150 12.80 37.32 -9.06
C ARG A 150 12.31 37.67 -7.66
N ASN A 151 11.63 38.81 -7.59
CA ASN A 151 11.02 39.31 -6.36
C ASN A 151 9.73 38.57 -6.04
N TYR A 152 9.42 38.51 -4.75
CA TYR A 152 8.09 38.21 -4.24
C TYR A 152 7.80 39.15 -3.08
N ILE A 153 6.51 39.34 -2.79
CA ILE A 153 6.07 40.05 -1.60
C ILE A 153 5.48 39.03 -0.63
N ARG A 154 5.88 39.14 0.63
CA ARG A 154 5.39 38.32 1.73
C ARG A 154 4.35 39.11 2.51
N LEU A 155 3.24 38.44 2.83
CA LEU A 155 2.23 38.99 3.72
C LEU A 155 2.15 38.16 5.00
N SER A 156 1.85 38.84 6.11
CA SER A 156 1.75 38.19 7.41
C SER A 156 0.43 38.56 8.07
N PHE A 157 -0.17 37.59 8.77
CA PHE A 157 -1.53 37.72 9.28
C PHE A 157 -1.58 37.32 10.75
N HIS A 158 -2.49 37.97 11.48
CA HIS A 158 -2.71 37.62 12.88
C HIS A 158 -3.47 36.32 13.04
N THR A 159 -4.40 36.01 12.14
CA THR A 159 -5.21 34.81 12.28
C THR A 159 -5.53 34.23 10.92
N VAL A 160 -5.63 32.89 10.87
CA VAL A 160 -5.89 32.19 9.63
C VAL A 160 -7.22 32.58 9.01
N GLU A 161 -8.18 33.02 9.83
CA GLU A 161 -9.44 33.54 9.28
C GLU A 161 -9.19 34.71 8.33
N ASP A 162 -8.40 35.70 8.77
CA ASP A 162 -8.19 36.88 7.95
C ASP A 162 -7.41 36.53 6.68
N LEU A 163 -6.40 35.67 6.80
CA LEU A 163 -5.67 35.20 5.64
C LEU A 163 -6.59 34.52 4.63
N VAL A 164 -7.46 33.62 5.11
CA VAL A 164 -8.45 33.00 4.23
C VAL A 164 -9.31 34.05 3.54
N LYS A 165 -9.82 35.01 4.31
CA LYS A 165 -10.72 36.02 3.72
C LYS A 165 -10.01 36.86 2.67
N VAL A 166 -8.76 37.24 2.92
CA VAL A 166 -8.03 38.01 1.92
C VAL A 166 -7.71 37.15 0.71
N ARG A 167 -7.38 35.88 0.92
CA ARG A 167 -7.12 35.02 -0.23
C ARG A 167 -8.36 34.89 -1.10
N LYS A 168 -9.52 34.75 -0.47
CA LYS A 168 -10.79 34.69 -1.19
C LYS A 168 -11.06 35.97 -1.98
N GLU A 169 -10.67 37.11 -1.43
CA GLU A 169 -10.82 38.35 -2.20
C GLU A 169 -9.81 38.45 -3.33
N ILE A 170 -8.55 38.08 -3.06
CA ILE A 170 -7.47 38.31 -4.02
C ILE A 170 -7.58 37.39 -5.22
N SER A 171 -7.84 36.10 -4.99
CA SER A 171 -7.69 35.11 -6.06
C SER A 171 -8.46 35.45 -7.34
N PRO A 172 -9.72 35.89 -7.30
CA PRO A 172 -10.38 36.26 -8.57
C PRO A 172 -9.63 37.31 -9.39
N ALA A 173 -8.96 38.26 -8.76
CA ALA A 173 -8.28 39.29 -9.54
C ALA A 173 -7.09 38.74 -10.31
N VAL A 174 -6.38 37.75 -9.73
CA VAL A 174 -5.38 37.01 -10.50
C VAL A 174 -6.05 36.19 -11.60
N LYS A 175 -7.17 35.55 -11.28
CA LYS A 175 -7.88 34.73 -12.26
C LYS A 175 -8.23 35.53 -13.51
N LYS A 176 -8.74 36.74 -13.33
CA LYS A 176 -9.01 37.62 -14.47
C LYS A 176 -7.76 37.91 -15.30
N ASN A 177 -6.63 38.20 -14.66
CA ASN A 177 -5.40 38.40 -15.42
C ASN A 177 -5.00 37.15 -16.20
N ARG A 178 -5.13 35.97 -15.57
CA ARG A 178 -4.80 34.74 -16.28
C ARG A 178 -5.77 34.48 -17.43
N GLU A 179 -7.02 34.93 -17.31
CA GLU A 179 -7.92 34.93 -18.45
C GLU A 179 -7.42 35.88 -19.55
N GLN A 180 -6.85 37.01 -19.15
CA GLN A 180 -6.24 37.90 -20.14
C GLN A 180 -4.93 37.32 -20.68
N ASP A 181 -4.21 36.55 -19.88
CA ASP A 181 -2.87 36.10 -20.24
C ASP A 181 -2.89 35.36 -21.58
N ASP A 213 -8.67 48.09 -8.98
CA ASP A 213 -7.70 48.71 -9.88
C ASP A 213 -6.32 48.06 -9.73
N GLN A 214 -5.65 48.37 -8.61
CA GLN A 214 -4.26 47.94 -8.45
C GLN A 214 -4.13 46.43 -8.51
N LEU A 215 -5.15 45.69 -8.06
CA LEU A 215 -5.08 44.24 -8.04
C LEU A 215 -4.76 43.64 -9.41
N ASP A 216 -5.18 44.30 -10.48
CA ASP A 216 -4.82 43.85 -11.82
C ASP A 216 -3.32 43.71 -12.03
N ASN A 217 -2.51 44.49 -11.32
CA ASN A 217 -1.05 44.30 -11.32
C ASN A 217 -0.57 43.08 -10.54
N ILE A 218 -1.29 42.61 -9.52
CA ILE A 218 -0.81 41.44 -8.78
C ILE A 218 -1.09 40.17 -9.61
N VAL A 219 -0.02 39.46 -9.95
CA VAL A 219 -0.06 38.46 -11.02
C VAL A 219 -0.25 37.03 -10.50
N ASP A 220 0.29 36.73 -9.33
CA ASP A 220 0.33 35.34 -8.87
C ASP A 220 0.57 35.27 -7.37
N MET A 221 0.32 34.09 -6.81
CA MET A 221 0.53 33.83 -5.39
C MET A 221 0.93 32.37 -5.21
N ARG A 222 1.67 32.09 -4.13
CA ARG A 222 2.30 30.79 -3.93
C ARG A 222 2.31 30.41 -2.46
N GLU A 223 2.33 29.10 -2.21
CA GLU A 223 2.28 28.52 -0.86
C GLU A 223 1.09 29.03 -0.04
N TYR A 224 -0.04 29.22 -0.70
CA TYR A 224 -1.23 29.74 -0.03
C TYR A 224 -2.04 28.65 0.68
N ASP A 225 -1.62 27.39 0.63
CA ASP A 225 -2.46 26.30 1.12
C ASP A 225 -1.68 25.25 1.93
N VAL A 226 -0.46 25.55 2.37
CA VAL A 226 0.24 24.60 3.25
C VAL A 226 -0.44 24.56 4.62
N PRO A 227 -0.77 23.38 5.15
CA PRO A 227 -1.36 23.32 6.49
C PRO A 227 -0.50 24.01 7.55
N TYR A 228 -1.17 24.81 8.39
CA TYR A 228 -0.47 25.69 9.32
C TYR A 228 0.42 24.93 10.30
N HIS A 229 -0.07 23.80 10.83
CA HIS A 229 0.72 23.04 11.79
C HIS A 229 1.91 22.32 11.16
N ILE A 230 1.94 22.17 9.84
CA ILE A 230 3.17 21.75 9.17
C ILE A 230 4.17 22.90 9.10
N ARG A 231 3.70 24.09 8.70
CA ARG A 231 4.59 25.22 8.47
C ARG A 231 5.63 25.38 9.57
N LEU A 232 5.18 25.36 10.83
CA LEU A 232 6.11 25.55 11.94
C LEU A 232 7.23 24.52 11.91
N SER A 233 6.90 23.25 11.67
CA SER A 233 7.92 22.22 11.74
C SER A 233 8.98 22.41 10.66
N ILE A 234 8.58 22.94 9.51
CA ILE A 234 9.53 23.20 8.43
C ILE A 234 10.40 24.41 8.79
N ASP A 235 9.77 25.50 9.22
CA ASP A 235 10.52 26.71 9.53
C ASP A 235 11.47 26.53 10.70
N LEU A 236 11.12 25.71 11.68
CA LEU A 236 11.90 25.59 12.91
C LEU A 236 12.58 24.24 13.06
N LYS A 237 12.58 23.40 12.02
CA LYS A 237 13.28 22.11 12.03
C LYS A 237 12.79 21.19 13.14
N ILE A 238 11.61 21.46 13.70
CA ILE A 238 11.08 20.64 14.78
C ILE A 238 10.57 19.31 14.23
N HIS A 239 10.83 18.24 14.96
CA HIS A 239 10.51 16.89 14.53
C HIS A 239 10.28 16.03 15.75
N VAL A 240 9.48 14.98 15.58
CA VAL A 240 8.93 14.23 16.70
C VAL A 240 9.74 12.98 16.96
N ALA A 241 9.70 12.53 18.22
CA ALA A 241 10.43 11.38 18.75
C ALA A 241 11.93 11.60 18.89
N HIS A 242 12.43 12.81 18.70
CA HIS A 242 13.72 13.18 19.26
C HIS A 242 13.56 13.69 20.69
N TRP A 243 14.65 13.61 21.45
CA TRP A 243 14.73 14.34 22.71
C TRP A 243 14.86 15.83 22.44
N TYR A 244 14.20 16.64 23.27
CA TYR A 244 14.32 18.10 23.18
C TYR A 244 14.55 18.72 24.55
N ASN A 245 15.17 19.89 24.50
CA ASN A 245 15.45 20.71 25.67
C ASN A 245 14.79 22.06 25.45
N VAL A 246 13.97 22.50 26.40
CA VAL A 246 13.16 23.69 26.24
C VAL A 246 13.35 24.60 27.44
N ARG A 247 13.43 25.90 27.18
CA ARG A 247 13.54 26.93 28.21
C ARG A 247 12.44 27.96 28.00
N TYR A 248 11.76 28.29 29.08
CA TYR A 248 10.83 29.42 29.15
C TYR A 248 11.43 30.50 30.03
N ARG A 249 11.61 31.69 29.47
CA ARG A 249 12.19 32.81 30.21
C ARG A 249 11.14 33.55 31.03
N GLY A 250 9.87 33.43 30.65
CA GLY A 250 8.82 34.33 31.10
C GLY A 250 8.08 34.92 29.91
N ASN A 251 6.85 35.39 30.14
CA ASN A 251 5.99 35.77 29.02
C ASN A 251 6.58 36.90 28.19
N ALA A 252 7.51 37.69 28.73
CA ALA A 252 8.19 38.69 27.92
C ALA A 252 9.03 38.08 26.81
N PHE A 253 9.27 36.77 26.84
CA PHE A 253 10.08 36.10 25.82
C PHE A 253 9.29 34.98 25.15
N PRO A 254 9.58 34.68 23.89
CA PRO A 254 9.15 33.40 23.33
C PRO A 254 9.90 32.23 23.96
N VAL A 255 9.25 31.07 23.94
CA VAL A 255 9.92 29.84 24.36
C VAL A 255 11.07 29.55 23.41
N GLU A 256 12.19 29.05 23.95
CA GLU A 256 13.30 28.59 23.14
C GLU A 256 13.45 27.08 23.25
N ILE A 257 13.49 26.42 22.10
CA ILE A 257 13.37 24.97 22.00
C ILE A 257 14.53 24.47 21.15
N THR A 258 15.21 23.41 21.62
CA THR A 258 16.46 22.97 21.03
C THR A 258 16.49 21.45 20.95
N ARG A 259 16.96 20.93 19.81
CA ARG A 259 17.04 19.48 19.64
C ARG A 259 18.29 18.94 20.32
N ARG A 260 18.14 17.77 20.92
CA ARG A 260 19.26 16.94 21.36
C ARG A 260 19.65 15.94 20.29
N ASP A 261 20.92 15.49 20.37
CA ASP A 261 21.36 14.38 19.54
C ASP A 261 22.39 13.50 20.26
N ASP A 262 22.64 13.72 21.55
CA ASP A 262 23.48 12.85 22.35
C ASP A 262 22.70 11.78 23.12
N LEU A 263 21.38 11.82 23.08
CA LEU A 263 20.54 10.87 23.79
C LEU A 263 19.77 10.03 22.79
N VAL A 264 19.85 8.70 22.95
CA VAL A 264 19.30 7.77 21.97
C VAL A 264 18.39 6.75 22.66
N GLU A 265 18.63 6.49 23.94
CA GLU A 265 17.67 5.71 24.72
C GLU A 265 16.32 6.43 24.73
N ARG A 266 15.25 5.62 24.63
CA ARG A 266 13.92 6.13 24.38
C ARG A 266 12.94 5.71 25.48
N PRO A 267 12.04 6.61 25.90
CA PRO A 267 11.09 6.25 26.96
C PRO A 267 10.06 5.26 26.45
N ASP A 268 9.27 4.72 27.37
CA ASP A 268 8.19 3.80 27.03
C ASP A 268 6.84 4.35 27.44
N PRO A 269 5.96 4.72 26.49
CA PRO A 269 4.59 5.08 26.85
C PRO A 269 3.75 3.87 27.21
N VAL A 270 2.82 4.06 28.13
CA VAL A 270 1.88 2.99 28.47
C VAL A 270 0.92 2.79 27.31
N VAL A 271 0.53 1.54 27.08
CA VAL A 271 -0.27 1.17 25.90
C VAL A 271 -1.39 0.23 26.33
N LEU A 272 -2.57 0.45 25.76
CA LEU A 272 -3.79 -0.25 26.14
C LEU A 272 -4.56 -0.61 24.87
N ALA A 273 -5.22 -1.77 24.90
CA ALA A 273 -6.08 -2.19 23.80
C ALA A 273 -7.24 -3.00 24.37
N PHE A 274 -8.33 -3.09 23.60
CA PHE A 274 -9.55 -3.70 24.11
C PHE A 274 -10.32 -4.36 22.98
N ASP A 275 -11.28 -5.20 23.36
CA ASP A 275 -12.29 -5.68 22.44
C ASP A 275 -13.58 -6.01 23.18
N ILE A 276 -14.67 -6.05 22.41
CA ILE A 276 -16.02 -5.99 22.94
C ILE A 276 -16.87 -7.06 22.27
N GLU A 277 -17.66 -7.79 23.08
CA GLU A 277 -18.50 -8.88 22.58
C GLU A 277 -19.93 -8.59 22.96
N THR A 278 -20.85 -8.79 22.01
CA THR A 278 -22.23 -8.36 22.13
C THR A 278 -23.18 -9.50 21.79
N THR A 279 -24.42 -9.35 22.23
CA THR A 279 -25.54 -10.12 21.69
C THR A 279 -25.67 -9.89 20.19
N LYS A 280 -26.35 -10.84 19.54
CA LYS A 280 -27.04 -10.56 18.29
C LYS A 280 -28.25 -11.47 18.17
N LEU A 281 -29.22 -11.06 17.34
CA LEU A 281 -30.29 -11.95 16.94
C LEU A 281 -29.79 -12.91 15.85
N PRO A 282 -30.28 -14.15 15.85
CA PRO A 282 -29.94 -15.07 14.75
C PRO A 282 -30.18 -14.46 13.38
N LEU A 283 -29.27 -14.79 12.45
CA LEU A 283 -29.43 -14.51 11.03
C LEU A 283 -29.61 -13.03 10.72
N LYS A 284 -29.03 -12.13 11.53
CA LYS A 284 -28.88 -10.75 11.09
C LYS A 284 -27.70 -10.14 11.83
N PHE A 285 -27.29 -8.96 11.37
CA PHE A 285 -26.30 -8.19 12.08
C PHE A 285 -26.92 -7.54 13.32
N PRO A 286 -26.16 -7.37 14.39
CA PRO A 286 -26.71 -6.73 15.59
C PRO A 286 -27.13 -5.29 15.32
N ASP A 287 -28.05 -4.79 16.15
CA ASP A 287 -28.56 -3.42 16.02
C ASP A 287 -27.93 -2.54 17.09
N ALA A 288 -27.30 -1.46 16.65
CA ALA A 288 -26.69 -0.49 17.57
C ALA A 288 -27.66 0.05 18.61
N GLU A 289 -28.95 0.13 18.30
CA GLU A 289 -29.94 0.62 19.24
C GLU A 289 -30.61 -0.45 20.08
N THR A 290 -30.49 -1.72 19.74
CA THR A 290 -31.39 -2.73 20.31
C THR A 290 -30.63 -3.90 20.92
N ASP A 291 -29.44 -4.20 20.39
CA ASP A 291 -28.58 -5.18 21.02
C ASP A 291 -27.93 -4.61 22.28
N GLN A 292 -27.34 -5.50 23.05
CA GLN A 292 -26.78 -5.18 24.36
C GLN A 292 -25.45 -5.90 24.53
N ILE A 293 -24.66 -5.44 25.49
CA ILE A 293 -23.26 -5.84 25.60
C ILE A 293 -23.16 -7.02 26.56
N MET A 294 -22.39 -8.03 26.14
CA MET A 294 -22.18 -9.23 26.96
C MET A 294 -20.85 -9.28 27.68
N MET A 295 -19.73 -8.93 27.03
CA MET A 295 -18.49 -8.83 27.78
C MET A 295 -17.52 -7.85 27.11
N ILE A 296 -16.62 -7.30 27.91
CA ILE A 296 -15.59 -6.38 27.42
C ILE A 296 -14.27 -6.74 28.09
N SER A 297 -13.19 -6.74 27.30
CA SER A 297 -11.89 -7.16 27.83
C SER A 297 -10.82 -6.22 27.31
N TYR A 298 -9.86 -5.88 28.15
CA TYR A 298 -8.77 -5.01 27.73
C TYR A 298 -7.44 -5.42 28.35
N MET A 299 -6.39 -5.33 27.53
CA MET A 299 -5.03 -5.68 27.89
C MET A 299 -4.21 -4.40 27.97
N ILE A 300 -3.44 -4.25 29.03
CA ILE A 300 -2.68 -3.02 29.27
C ILE A 300 -1.35 -3.37 29.91
N ASP A 301 -0.26 -2.96 29.26
CA ASP A 301 1.10 -3.15 29.76
C ASP A 301 1.37 -4.59 30.21
N GLY A 302 0.72 -5.55 29.58
CA GLY A 302 0.89 -6.95 29.93
C GLY A 302 -0.09 -7.54 30.93
N GLN A 303 -0.99 -6.75 31.51
CA GLN A 303 -2.01 -7.26 32.41
C GLN A 303 -3.37 -7.23 31.74
N GLY A 304 -4.04 -8.38 31.74
CA GLY A 304 -5.38 -8.48 31.18
C GLY A 304 -6.46 -8.20 32.22
N TYR A 305 -7.55 -7.57 31.76
CA TYR A 305 -8.75 -7.38 32.56
C TYR A 305 -9.95 -7.81 31.75
N LEU A 306 -10.93 -8.40 32.44
CA LEU A 306 -12.18 -8.83 31.82
C LEU A 306 -13.38 -8.42 32.66
N ILE A 307 -14.47 -8.05 31.99
CA ILE A 307 -15.74 -7.73 32.63
C ILE A 307 -16.83 -8.40 31.82
N THR A 308 -17.87 -8.89 32.49
CA THR A 308 -18.95 -9.55 31.77
C THR A 308 -20.29 -9.34 32.45
N ASN A 309 -21.34 -9.40 31.63
CA ASN A 309 -22.74 -9.15 31.99
C ASN A 309 -23.34 -10.37 32.64
N ARG A 310 -23.33 -10.40 33.98
CA ARG A 310 -23.93 -11.52 34.70
C ARG A 310 -25.44 -11.58 34.57
N GLU A 311 -26.09 -10.50 34.10
CA GLU A 311 -27.51 -10.57 33.78
C GLU A 311 -27.78 -11.44 32.57
N ILE A 312 -26.76 -11.75 31.77
CA ILE A 312 -26.89 -12.58 30.59
C ILE A 312 -26.15 -13.91 30.76
N VAL A 313 -24.90 -13.86 31.24
CA VAL A 313 -24.10 -15.07 31.34
C VAL A 313 -24.63 -15.94 32.47
N SER A 314 -24.64 -17.25 32.22
CA SER A 314 -25.24 -18.19 33.18
C SER A 314 -24.47 -18.27 34.49
N GLU A 315 -23.15 -18.08 34.46
CA GLU A 315 -22.38 -18.07 35.71
C GLU A 315 -21.19 -17.14 35.60
N ASP A 316 -20.79 -16.62 36.76
CA ASP A 316 -19.67 -15.69 36.84
C ASP A 316 -18.36 -16.42 36.61
N ILE A 317 -17.35 -15.69 36.14
CA ILE A 317 -16.16 -16.27 35.55
C ILE A 317 -15.03 -16.20 36.57
N GLU A 318 -14.31 -17.32 36.73
CA GLU A 318 -13.15 -17.37 37.60
C GLU A 318 -11.90 -16.86 36.88
N ASP A 319 -11.06 -16.16 37.63
CA ASP A 319 -9.79 -15.68 37.08
C ASP A 319 -8.90 -16.87 36.71
N PHE A 320 -8.22 -16.74 35.58
CA PHE A 320 -7.51 -17.86 34.97
C PHE A 320 -6.36 -17.33 34.14
N GLU A 321 -5.68 -18.23 33.44
CA GLU A 321 -4.45 -17.91 32.75
C GLU A 321 -4.42 -18.62 31.40
N PHE A 322 -3.73 -18.00 30.44
CA PHE A 322 -3.73 -18.45 29.06
C PHE A 322 -2.46 -17.95 28.40
N THR A 323 -1.86 -18.80 27.56
CA THR A 323 -0.66 -18.42 26.83
C THR A 323 -0.48 -19.28 25.59
N PRO A 324 -0.53 -18.69 24.39
CA PRO A 324 -0.31 -19.50 23.18
C PRO A 324 1.15 -19.88 22.99
N LYS A 325 2.08 -18.99 23.29
CA LYS A 325 3.50 -19.29 23.21
C LYS A 325 4.25 -18.57 24.32
N PRO A 326 5.39 -19.11 24.77
CA PRO A 326 6.07 -18.54 25.94
C PRO A 326 6.37 -17.06 25.82
N GLU A 327 6.47 -16.53 24.60
CA GLU A 327 6.67 -15.10 24.43
C GLU A 327 5.52 -14.28 25.00
N TYR A 328 4.29 -14.78 24.93
CA TYR A 328 3.11 -13.95 25.18
C TYR A 328 2.65 -14.19 26.62
N GLU A 329 3.14 -13.34 27.50
CA GLU A 329 3.21 -13.60 28.94
C GLU A 329 1.87 -13.48 29.66
N GLY A 330 0.99 -12.59 29.20
CA GLY A 330 0.00 -11.98 30.05
C GLY A 330 -1.08 -12.89 30.64
N PRO A 331 -1.19 -12.91 31.96
CA PRO A 331 -2.38 -13.43 32.63
C PRO A 331 -3.50 -12.39 32.67
N PHE A 332 -4.63 -12.78 33.25
CA PHE A 332 -5.84 -11.96 33.25
C PHE A 332 -6.47 -11.95 34.64
N CYS A 333 -7.28 -10.91 34.88
CA CYS A 333 -8.11 -10.83 36.08
C CYS A 333 -9.50 -10.35 35.70
N VAL A 334 -10.51 -10.81 36.45
CA VAL A 334 -11.91 -10.60 36.12
C VAL A 334 -12.53 -9.66 37.17
N PHE A 335 -13.04 -8.53 36.70
CA PHE A 335 -14.10 -7.85 37.43
C PHE A 335 -15.46 -8.44 37.07
N ASN A 336 -16.44 -8.19 37.94
CA ASN A 336 -17.80 -8.64 37.77
C ASN A 336 -18.75 -7.57 38.28
N GLU A 337 -19.93 -7.49 37.68
CA GLU A 337 -20.89 -6.43 37.98
C GLU A 337 -22.30 -6.97 37.93
N PRO A 338 -23.22 -6.36 38.67
CA PRO A 338 -24.62 -6.83 38.64
C PRO A 338 -25.45 -6.31 37.48
N ASP A 339 -25.02 -5.27 36.76
CA ASP A 339 -25.80 -4.77 35.64
C ASP A 339 -24.88 -4.25 34.55
N GLU A 340 -25.45 -4.12 33.35
CA GLU A 340 -24.68 -3.67 32.19
C GLU A 340 -24.17 -2.24 32.37
N ALA A 341 -25.02 -1.33 32.83
CA ALA A 341 -24.60 0.06 32.96
C ALA A 341 -23.36 0.17 33.83
N HIS A 342 -23.34 -0.54 34.96
CA HIS A 342 -22.19 -0.47 35.83
C HIS A 342 -20.94 -1.03 35.16
N LEU A 343 -21.08 -1.89 34.15
CA LEU A 343 -19.92 -2.28 33.35
C LEU A 343 -19.26 -1.05 32.75
N ILE A 344 -20.05 -0.22 32.08
CA ILE A 344 -19.49 0.91 31.35
C ILE A 344 -18.99 1.97 32.31
N GLN A 345 -19.69 2.13 33.45
CA GLN A 345 -19.20 3.04 34.48
C GLN A 345 -17.87 2.56 35.07
N ARG A 346 -17.75 1.26 35.30
CA ARG A 346 -16.52 0.71 35.86
C ARG A 346 -15.35 0.80 34.88
N TRP A 347 -15.63 0.51 33.61
CA TRP A 347 -14.70 0.80 32.53
C TRP A 347 -14.22 2.25 32.55
N PHE A 348 -15.14 3.22 32.49
CA PHE A 348 -14.68 4.60 32.40
C PHE A 348 -13.98 5.07 33.67
N GLU A 349 -14.39 4.58 34.84
CA GLU A 349 -13.65 4.90 36.05
C GLU A 349 -12.23 4.36 36.01
N HIS A 350 -12.08 3.09 35.60
CA HIS A 350 -10.74 2.49 35.59
C HIS A 350 -9.84 3.17 34.56
N VAL A 351 -10.38 3.50 33.39
CA VAL A 351 -9.55 4.16 32.38
C VAL A 351 -9.20 5.58 32.81
N GLN A 352 -10.10 6.28 33.50
CA GLN A 352 -9.74 7.59 34.03
C GLN A 352 -8.63 7.48 35.07
N GLU A 353 -8.75 6.53 36.00
CA GLU A 353 -7.69 6.33 36.98
C GLU A 353 -6.37 5.94 36.32
N THR A 354 -6.43 5.15 35.25
CA THR A 354 -5.22 4.71 34.56
C THR A 354 -4.60 5.81 33.70
N LYS A 355 -5.43 6.67 33.12
CA LYS A 355 -5.00 7.80 32.30
C LYS A 355 -3.90 7.41 31.31
N PRO A 356 -4.12 6.40 30.48
CA PRO A 356 -3.09 5.95 29.55
C PRO A 356 -3.04 6.81 28.30
N THR A 357 -1.86 6.91 27.71
CA THR A 357 -1.60 7.91 26.67
C THR A 357 -1.90 7.39 25.27
N ILE A 358 -1.80 6.09 25.04
CA ILE A 358 -1.93 5.49 23.72
C ILE A 358 -3.03 4.44 23.79
N MET A 359 -3.82 4.32 22.73
CA MET A 359 -4.99 3.43 22.75
C MET A 359 -5.20 2.80 21.39
N VAL A 360 -5.00 1.48 21.35
CA VAL A 360 -4.91 0.71 20.11
C VAL A 360 -6.18 -0.14 20.02
N THR A 361 -6.83 -0.11 18.87
CA THR A 361 -8.00 -0.93 18.63
C THR A 361 -7.77 -1.77 17.38
N TYR A 362 -8.83 -2.45 16.93
CA TYR A 362 -8.80 -3.15 15.65
C TYR A 362 -10.03 -2.75 14.84
N ASN A 363 -9.80 -2.02 13.76
CA ASN A 363 -10.86 -1.52 12.88
C ASN A 363 -11.88 -0.67 13.64
N GLY A 364 -11.41 0.46 14.18
CA GLY A 364 -12.22 1.30 15.03
C GLY A 364 -13.30 2.09 14.33
N ASP A 365 -13.41 1.96 13.01
CA ASP A 365 -14.46 2.64 12.24
C ASP A 365 -15.80 1.91 12.29
N PHE A 366 -15.84 0.68 11.79
CA PHE A 366 -17.12 0.00 11.56
C PHE A 366 -17.88 -0.29 12.84
N PHE A 367 -17.21 -0.79 13.88
CA PHE A 367 -17.93 -1.42 14.99
C PHE A 367 -17.75 -0.71 16.34
N ASP A 368 -16.54 -0.71 16.92
CA ASP A 368 -16.44 -0.65 18.37
C ASP A 368 -16.81 0.73 18.92
N TRP A 369 -16.16 1.80 18.46
CA TRP A 369 -16.48 3.11 19.00
C TRP A 369 -17.90 3.56 18.68
N PRO A 370 -18.38 3.40 17.44
CA PRO A 370 -19.81 3.63 17.18
C PRO A 370 -20.75 2.84 18.09
N PHE A 371 -20.41 1.58 18.39
CA PHE A 371 -21.25 0.79 19.27
C PHE A 371 -21.27 1.36 20.68
N VAL A 372 -20.08 1.57 21.27
CA VAL A 372 -20.02 2.04 22.64
C VAL A 372 -20.65 3.42 22.78
N GLU A 373 -20.59 4.24 21.72
CA GLU A 373 -21.30 5.52 21.75
C GLU A 373 -22.81 5.32 21.68
N ALA A 374 -23.29 4.54 20.71
CA ALA A 374 -24.72 4.34 20.56
C ALA A 374 -25.36 3.68 21.77
N ARG A 375 -24.58 3.08 22.67
CA ARG A 375 -25.11 2.56 23.92
C ARG A 375 -24.56 3.31 25.14
N ALA A 376 -24.06 4.53 24.94
CA ALA A 376 -23.79 5.43 26.06
C ALA A 376 -25.04 6.20 26.46
N ALA A 377 -25.74 6.78 25.48
CA ALA A 377 -26.81 7.72 25.77
C ALA A 377 -27.94 7.08 26.56
N VAL A 378 -28.20 5.79 26.35
CA VAL A 378 -29.29 5.11 27.05
C VAL A 378 -29.20 5.29 28.55
N HIS A 379 -28.00 5.39 29.11
CA HIS A 379 -27.81 5.55 30.54
C HIS A 379 -27.30 6.94 30.91
N GLY A 380 -27.40 7.89 29.98
CA GLY A 380 -26.87 9.22 30.22
C GLY A 380 -25.37 9.32 30.24
N LEU A 381 -24.66 8.28 29.80
CA LEU A 381 -23.22 8.33 29.72
C LEU A 381 -22.77 9.13 28.49
N SER A 382 -21.56 9.66 28.56
CA SER A 382 -20.91 10.23 27.39
C SER A 382 -19.41 10.02 27.55
N MET A 383 -18.85 9.12 26.75
CA MET A 383 -17.40 8.95 26.71
C MET A 383 -16.72 10.24 26.27
N GLN A 384 -17.40 11.05 25.47
CA GLN A 384 -16.87 12.34 25.05
C GLN A 384 -16.74 13.32 26.21
N GLN A 385 -17.41 13.05 27.33
CA GLN A 385 -17.06 13.69 28.59
C GLN A 385 -16.02 12.89 29.38
N GLU A 386 -16.22 11.58 29.52
CA GLU A 386 -15.39 10.81 30.44
C GLU A 386 -13.98 10.59 29.91
N ILE A 387 -13.85 9.89 28.77
CA ILE A 387 -12.56 9.84 28.10
C ILE A 387 -12.29 11.08 27.24
N GLY A 388 -13.32 11.68 26.65
CA GLY A 388 -13.10 12.76 25.71
C GLY A 388 -12.82 12.36 24.27
N PHE A 389 -13.03 11.10 23.91
CA PHE A 389 -13.07 10.72 22.51
C PHE A 389 -14.27 11.35 21.81
N GLN A 390 -14.14 11.57 20.50
CA GLN A 390 -15.27 11.96 19.69
C GLN A 390 -15.00 11.63 18.23
N LYS A 391 -16.10 11.49 17.48
CA LYS A 391 -16.06 11.41 16.04
C LYS A 391 -15.63 12.76 15.44
N ASP A 392 -15.31 12.74 14.15
CA ASP A 392 -14.88 13.93 13.44
C ASP A 392 -15.49 13.93 12.04
N SER A 393 -15.40 15.11 11.40
CA SER A 393 -16.08 15.34 10.13
C SER A 393 -15.73 14.30 9.09
N GLN A 394 -14.49 13.83 9.07
CA GLN A 394 -14.07 12.81 8.11
C GLN A 394 -14.57 11.41 8.47
N GLY A 395 -15.09 11.19 9.68
CA GLY A 395 -15.78 9.96 10.02
C GLY A 395 -15.12 9.19 11.15
N GLU A 396 -13.82 9.34 11.32
CA GLU A 396 -13.09 8.57 12.31
C GLU A 396 -13.22 9.19 13.70
N TYR A 397 -12.68 8.49 14.68
CA TYR A 397 -12.60 8.96 16.06
C TYR A 397 -11.21 9.51 16.37
N LYS A 398 -11.18 10.72 16.91
CA LYS A 398 -9.93 11.38 17.30
C LYS A 398 -10.24 12.24 18.52
N ALA A 399 -9.20 12.54 19.30
CA ALA A 399 -9.44 13.02 20.65
C ALA A 399 -8.37 14.02 21.03
N PRO A 400 -8.60 14.80 22.10
CA PRO A 400 -7.70 15.94 22.37
C PRO A 400 -6.29 15.53 22.78
N GLN A 401 -6.16 14.45 23.54
CA GLN A 401 -4.95 14.22 24.34
C GLN A 401 -4.36 12.83 24.21
N CYS A 402 -5.10 11.85 23.68
CA CYS A 402 -4.52 10.57 23.31
C CYS A 402 -4.95 10.25 21.88
N ILE A 403 -4.11 9.48 21.19
CA ILE A 403 -4.23 9.25 19.76
C ILE A 403 -4.75 7.85 19.50
N HIS A 404 -5.86 7.76 18.77
CA HIS A 404 -6.46 6.47 18.45
C HIS A 404 -5.61 5.80 17.37
N MET A 405 -5.20 4.56 17.62
CA MET A 405 -4.30 3.87 16.71
C MET A 405 -4.81 2.48 16.41
N ASP A 406 -4.47 1.99 15.21
CA ASP A 406 -5.27 0.98 14.53
C ASP A 406 -4.33 0.18 13.62
N CYS A 407 -4.16 -1.10 13.95
CA CYS A 407 -3.25 -1.95 13.17
C CYS A 407 -3.72 -2.15 11.74
N LEU A 408 -5.04 -2.06 11.49
CA LEU A 408 -5.55 -2.51 10.21
C LEU A 408 -5.07 -1.63 9.06
N ARG A 409 -4.97 -0.32 9.29
CA ARG A 409 -4.43 0.57 8.27
C ARG A 409 -3.01 0.16 7.88
N TRP A 410 -2.18 -0.15 8.87
CA TRP A 410 -0.82 -0.62 8.60
C TRP A 410 -0.82 -1.96 7.87
N VAL A 411 -1.68 -2.89 8.27
CA VAL A 411 -1.77 -4.17 7.56
C VAL A 411 -2.12 -3.95 6.09
N LYS A 412 -3.10 -3.09 5.83
CA LYS A 412 -3.46 -2.79 4.45
C LYS A 412 -2.32 -2.13 3.69
N ARG A 413 -1.68 -1.13 4.29
CA ARG A 413 -0.78 -0.26 3.54
C ARG A 413 0.62 -0.83 3.36
N ASP A 414 1.12 -1.59 4.33
CA ASP A 414 2.55 -1.90 4.36
C ASP A 414 2.88 -3.36 4.68
N SER A 415 1.89 -4.21 4.94
CA SER A 415 2.20 -5.60 5.24
C SER A 415 2.80 -6.30 4.02
N TYR A 416 2.32 -5.98 2.83
CA TYR A 416 2.53 -6.77 1.62
C TYR A 416 2.03 -8.21 1.74
N LEU A 417 1.25 -8.53 2.77
CA LEU A 417 0.60 -9.82 2.80
C LEU A 417 -0.27 -9.98 1.55
N PRO A 418 -0.45 -11.22 1.07
CA PRO A 418 -1.27 -11.44 -0.12
C PRO A 418 -2.73 -11.13 0.14
N VAL A 419 -3.41 -10.72 -0.93
CA VAL A 419 -4.79 -10.26 -0.82
C VAL A 419 -5.66 -11.35 -0.21
N GLY A 420 -6.57 -10.94 0.67
CA GLY A 420 -7.47 -11.85 1.34
C GLY A 420 -6.90 -12.55 2.55
N SER A 421 -5.59 -12.47 2.78
CA SER A 421 -5.03 -12.86 4.07
C SER A 421 -5.17 -11.77 5.12
N HIS A 422 -5.78 -10.63 4.77
CA HIS A 422 -5.92 -9.51 5.70
C HIS A 422 -6.88 -9.79 6.84
N ASN A 423 -7.61 -10.91 6.80
CA ASN A 423 -8.46 -11.26 7.91
C ASN A 423 -7.62 -11.56 9.15
N LEU A 424 -8.11 -11.09 10.30
CA LEU A 424 -7.26 -10.96 11.48
C LEU A 424 -6.58 -12.27 11.82
N LYS A 425 -7.35 -13.36 11.87
CA LYS A 425 -6.80 -14.66 12.28
C LYS A 425 -5.62 -15.06 11.41
N ALA A 426 -5.74 -14.91 10.09
CA ALA A 426 -4.63 -15.25 9.19
C ALA A 426 -3.43 -14.36 9.43
N ALA A 427 -3.63 -13.04 9.49
CA ALA A 427 -2.49 -12.13 9.67
C ALA A 427 -1.76 -12.46 10.97
N ALA A 428 -2.51 -12.65 12.05
CA ALA A 428 -1.91 -13.02 13.32
C ALA A 428 -1.13 -14.31 13.19
N LYS A 429 -1.73 -15.34 12.59
CA LYS A 429 -1.04 -16.61 12.47
C LYS A 429 0.27 -16.45 11.73
N ALA A 430 0.24 -15.72 10.61
CA ALA A 430 1.44 -15.56 9.79
C ALA A 430 2.55 -14.80 10.52
N LYS A 431 2.22 -13.63 11.10
CA LYS A 431 3.27 -12.85 11.75
C LYS A 431 3.70 -13.41 13.10
N LEU A 432 2.77 -13.87 13.92
CA LEU A 432 3.07 -14.29 15.28
C LEU A 432 3.35 -15.78 15.40
N GLY A 433 3.03 -16.57 14.38
CA GLY A 433 3.49 -17.95 14.36
C GLY A 433 2.72 -18.89 15.26
N TYR A 434 1.44 -18.66 15.49
CA TYR A 434 0.60 -19.66 16.13
C TYR A 434 -0.82 -19.53 15.58
N ASP A 435 -1.61 -20.58 15.78
CA ASP A 435 -2.98 -20.63 15.26
C ASP A 435 -3.99 -20.25 16.34
N PRO A 436 -4.55 -19.05 16.33
CA PRO A 436 -5.65 -18.74 17.23
C PRO A 436 -6.95 -19.39 16.77
N VAL A 437 -7.77 -19.80 17.74
CA VAL A 437 -8.90 -20.68 17.48
C VAL A 437 -10.16 -19.83 17.31
N GLU A 438 -11.08 -20.31 16.47
CA GLU A 438 -12.29 -19.59 16.13
C GLU A 438 -13.53 -20.41 16.46
N LEU A 439 -14.60 -19.71 16.81
CA LEU A 439 -15.93 -20.28 16.92
C LEU A 439 -16.87 -19.56 15.98
N ASP A 440 -17.85 -20.28 15.45
CA ASP A 440 -18.81 -19.68 14.53
C ASP A 440 -19.65 -18.63 15.25
N PRO A 441 -19.73 -17.39 14.72
CA PRO A 441 -20.54 -16.35 15.38
C PRO A 441 -21.98 -16.74 15.68
N GLU A 442 -22.51 -17.77 15.02
CA GLU A 442 -23.80 -18.31 15.41
C GLU A 442 -23.69 -19.08 16.73
N ASP A 443 -22.75 -20.00 16.83
CA ASP A 443 -22.72 -20.90 17.97
C ASP A 443 -22.37 -20.15 19.25
N MET A 444 -21.53 -19.12 19.15
CA MET A 444 -21.08 -18.39 20.33
C MET A 444 -22.23 -17.76 21.09
N CYS A 445 -23.30 -17.35 20.41
CA CYS A 445 -24.41 -16.72 21.12
C CYS A 445 -25.16 -17.71 22.00
N ARG A 446 -25.28 -18.96 21.57
CA ARG A 446 -25.91 -19.98 22.40
C ARG A 446 -24.95 -20.47 23.47
N MET A 447 -23.68 -20.66 23.11
CA MET A 447 -22.71 -21.27 24.01
C MET A 447 -22.64 -20.54 25.34
N ALA A 448 -22.88 -19.22 25.33
CA ALA A 448 -22.99 -18.46 26.56
C ALA A 448 -23.89 -19.13 27.59
N THR A 449 -24.97 -19.75 27.15
CA THR A 449 -25.95 -20.29 28.09
C THR A 449 -25.43 -21.53 28.81
N GLU A 450 -24.51 -22.29 28.21
CA GLU A 450 -24.25 -23.65 28.64
C GLU A 450 -22.81 -23.94 29.04
N GLN A 451 -21.85 -23.11 28.63
CA GLN A 451 -20.46 -23.38 29.01
C GLN A 451 -19.63 -22.10 29.06
N PRO A 452 -20.01 -21.15 29.93
CA PRO A 452 -19.41 -19.80 29.88
C PRO A 452 -17.89 -19.79 29.78
N GLN A 453 -17.22 -20.57 30.63
CA GLN A 453 -15.76 -20.60 30.65
C GLN A 453 -15.19 -20.73 29.25
N THR A 454 -15.80 -21.55 28.40
CA THR A 454 -15.25 -21.74 27.06
C THR A 454 -15.39 -20.46 26.24
N LEU A 455 -16.50 -19.74 26.44
CA LEU A 455 -16.71 -18.50 25.70
C LEU A 455 -15.69 -17.46 26.12
N ALA A 456 -15.50 -17.29 27.43
CA ALA A 456 -14.48 -16.36 27.92
C ALA A 456 -13.09 -16.73 27.39
N THR A 457 -12.74 -18.01 27.46
CA THR A 457 -11.46 -18.47 26.96
C THR A 457 -11.29 -18.22 25.47
N TYR A 458 -12.37 -18.23 24.70
CA TYR A 458 -12.28 -17.79 23.31
C TYR A 458 -12.09 -16.28 23.20
N SER A 459 -12.96 -15.51 23.86
CA SER A 459 -13.01 -14.07 23.62
C SER A 459 -11.73 -13.38 24.09
N VAL A 460 -11.09 -13.88 25.14
CA VAL A 460 -9.84 -13.31 25.63
C VAL A 460 -8.74 -13.26 24.57
N SER A 461 -8.72 -14.21 23.64
CA SER A 461 -7.55 -14.38 22.77
C SER A 461 -7.25 -13.15 21.91
N ASP A 462 -8.27 -12.48 21.38
CA ASP A 462 -8.02 -11.33 20.51
C ASP A 462 -7.40 -10.15 21.24
N ALA A 463 -7.55 -10.04 22.56
CA ALA A 463 -6.80 -9.03 23.30
C ALA A 463 -5.31 -9.29 23.20
N VAL A 464 -4.89 -10.51 23.54
CA VAL A 464 -3.47 -10.85 23.53
C VAL A 464 -2.90 -10.68 22.14
N ALA A 465 -3.58 -11.25 21.14
CA ALA A 465 -3.07 -11.13 19.77
C ALA A 465 -2.94 -9.68 19.33
N THR A 466 -3.92 -8.83 19.67
CA THR A 466 -3.85 -7.45 19.23
C THR A 466 -2.68 -6.74 19.89
N TYR A 467 -2.57 -6.88 21.22
CA TYR A 467 -1.53 -6.17 21.95
C TYR A 467 -0.15 -6.55 21.44
N TYR A 468 0.12 -7.85 21.33
CA TYR A 468 1.46 -8.23 20.89
C TYR A 468 1.71 -7.88 19.44
N LEU A 469 0.71 -7.97 18.56
CA LEU A 469 0.94 -7.56 17.19
C LEU A 469 1.38 -6.11 17.14
N TYR A 470 0.63 -5.23 17.82
CA TYR A 470 0.96 -3.81 17.83
C TYR A 470 2.36 -3.58 18.39
N MET A 471 2.65 -4.17 19.55
CA MET A 471 3.93 -3.88 20.18
C MET A 471 5.08 -4.35 19.31
N LYS A 472 5.04 -5.60 18.88
CA LYS A 472 6.21 -6.20 18.24
C LYS A 472 6.44 -5.65 16.83
N TYR A 473 5.39 -5.63 16.01
CA TYR A 473 5.53 -5.06 14.66
C TYR A 473 5.30 -3.57 14.50
N VAL A 474 4.18 -3.04 15.00
CA VAL A 474 3.81 -1.66 14.66
C VAL A 474 4.62 -0.62 15.43
N HIS A 475 4.73 -0.77 16.74
CA HIS A 475 5.25 0.35 17.54
C HIS A 475 6.69 0.73 17.20
N PRO A 476 7.59 -0.19 16.84
CA PRO A 476 8.90 0.25 16.33
C PRO A 476 8.81 1.07 15.06
N PHE A 477 7.84 0.79 14.20
CA PHE A 477 7.83 1.33 12.84
C PHE A 477 7.36 2.79 12.79
N ILE A 478 6.19 3.06 13.35
CA ILE A 478 5.54 4.37 13.14
C ILE A 478 6.42 5.51 13.63
N PHE A 479 6.85 5.45 14.89
CA PHE A 479 7.68 6.54 15.41
C PHE A 479 9.01 6.64 14.68
N ALA A 480 9.68 5.50 14.45
CA ALA A 480 10.98 5.56 13.78
C ALA A 480 10.86 6.24 12.42
N LEU A 481 9.88 5.82 11.61
CA LEU A 481 9.67 6.50 10.34
C LEU A 481 9.34 7.97 10.56
N CYS A 482 8.51 8.29 11.56
CA CYS A 482 8.08 9.65 11.80
C CYS A 482 9.22 10.55 12.26
N THR A 483 10.39 9.99 12.58
CA THR A 483 11.54 10.83 12.90
C THR A 483 12.03 11.63 11.70
N ILE A 484 11.66 11.24 10.48
CA ILE A 484 12.15 11.90 9.28
C ILE A 484 11.14 12.88 8.71
N ILE A 485 9.85 12.61 8.87
CA ILE A 485 8.79 13.28 8.13
C ILE A 485 7.88 14.00 9.12
N PRO A 486 7.63 15.30 8.93
CA PRO A 486 7.23 16.17 10.04
C PRO A 486 5.77 16.06 10.48
N MET A 487 4.97 15.16 9.94
CA MET A 487 3.56 15.16 10.33
C MET A 487 3.39 14.52 11.72
N GLU A 488 2.16 14.57 12.23
CA GLU A 488 1.83 13.87 13.46
C GLU A 488 1.85 12.35 13.27
N PRO A 489 2.12 11.61 14.35
CA PRO A 489 2.03 10.14 14.29
C PRO A 489 0.70 9.60 13.81
N ASP A 490 -0.38 10.36 13.98
CA ASP A 490 -1.69 9.92 13.49
C ASP A 490 -1.79 10.01 11.98
N GLU A 491 -1.44 11.16 11.40
CA GLU A 491 -1.60 11.33 9.96
C GLU A 491 -0.71 10.37 9.20
N VAL A 492 0.54 10.22 9.64
CA VAL A 492 1.47 9.37 8.91
C VAL A 492 1.00 7.92 8.89
N LEU A 493 0.27 7.49 9.92
CA LEU A 493 -0.35 6.16 9.85
C LEU A 493 -1.55 6.16 8.93
N ARG A 494 -2.43 7.16 9.05
CA ARG A 494 -3.62 7.17 8.22
C ARG A 494 -3.33 7.54 6.76
N LYS A 495 -2.35 8.40 6.52
CA LYS A 495 -2.16 8.94 5.18
C LYS A 495 -1.69 7.87 4.20
N GLY A 496 -2.00 8.09 2.93
CA GLY A 496 -1.38 7.33 1.86
C GLY A 496 0.07 7.74 1.62
N SER A 497 0.78 6.88 0.90
CA SER A 497 2.18 7.13 0.57
C SER A 497 2.36 8.26 -0.42
N GLY A 498 1.30 8.72 -1.08
CA GLY A 498 1.37 9.88 -1.94
C GLY A 498 1.75 11.15 -1.21
N THR A 499 0.83 11.65 -0.37
CA THR A 499 1.04 12.90 0.34
C THR A 499 2.30 12.86 1.20
N LEU A 500 2.61 11.70 1.77
CA LEU A 500 3.74 11.59 2.70
C LEU A 500 5.05 12.03 2.03
N CYS A 501 5.29 11.56 0.81
CA CYS A 501 6.57 11.88 0.18
C CYS A 501 6.67 13.35 -0.15
N GLU A 502 5.56 13.98 -0.55
CA GLU A 502 5.58 15.42 -0.76
C GLU A 502 5.82 16.17 0.55
N ALA A 503 5.30 15.63 1.66
CA ALA A 503 5.54 16.22 2.96
C ALA A 503 7.00 16.10 3.38
N LEU A 504 7.72 15.13 2.82
CA LEU A 504 9.17 15.15 3.02
C LEU A 504 9.81 16.15 2.08
N LEU A 505 9.50 16.03 0.79
CA LEU A 505 10.24 16.74 -0.26
C LEU A 505 10.18 18.24 -0.06
N MET A 506 9.06 18.75 0.48
CA MET A 506 9.00 20.18 0.79
C MET A 506 10.12 20.62 1.70
N VAL A 507 10.58 19.78 2.64
CA VAL A 507 11.63 20.21 3.55
C VAL A 507 12.87 20.59 2.75
N GLN A 508 13.26 19.71 1.83
CA GLN A 508 14.43 19.95 1.00
C GLN A 508 14.25 21.17 0.12
N ALA A 509 13.09 21.26 -0.53
CA ALA A 509 12.82 22.43 -1.38
C ALA A 509 12.87 23.72 -0.56
N PHE A 510 12.42 23.68 0.69
CA PHE A 510 12.46 24.86 1.55
C PHE A 510 13.87 25.29 1.89
N HIS A 511 14.70 24.38 2.41
CA HIS A 511 16.01 24.83 2.85
C HIS A 511 16.93 25.16 1.68
N ALA A 512 16.68 24.59 0.50
CA ALA A 512 17.33 25.07 -0.71
C ALA A 512 16.84 26.44 -1.16
N ASN A 513 15.87 27.03 -0.46
CA ASN A 513 15.36 28.37 -0.77
C ASN A 513 14.59 28.41 -2.09
N ILE A 514 13.86 27.34 -2.41
CA ILE A 514 13.13 27.22 -3.67
C ILE A 514 11.65 27.46 -3.39
N ILE A 515 11.03 28.33 -4.20
CA ILE A 515 9.59 28.56 -4.10
C ILE A 515 8.84 27.36 -4.66
N PHE A 516 7.81 26.91 -3.95
CA PHE A 516 7.05 25.76 -4.39
C PHE A 516 6.17 26.09 -5.58
N PRO A 517 5.85 25.10 -6.41
CA PRO A 517 4.78 25.26 -7.40
C PRO A 517 3.40 25.05 -6.80
N ASN A 518 2.40 25.59 -7.50
CA ASN A 518 1.01 25.37 -7.14
C ASN A 518 0.52 24.02 -7.66
N LYS A 519 -0.54 23.51 -7.03
CA LYS A 519 -1.03 22.18 -7.35
C LYS A 519 -1.41 22.07 -8.83
N GLN A 520 -1.10 20.91 -9.42
CA GLN A 520 -1.31 20.65 -10.85
C GLN A 520 -2.75 20.18 -11.10
N GLU A 521 -3.69 21.10 -10.87
CA GLU A 521 -5.10 20.76 -11.03
C GLU A 521 -5.37 20.30 -12.46
N GLN A 522 -6.16 19.22 -12.57
CA GLN A 522 -6.36 18.54 -13.84
C GLN A 522 -7.17 19.41 -14.82
N GLU A 523 -6.79 19.33 -16.10
CA GLU A 523 -7.53 19.99 -17.17
C GLU A 523 -8.74 19.15 -17.58
N PHE A 524 -9.60 19.76 -18.39
CA PHE A 524 -10.72 19.07 -19.02
C PHE A 524 -10.60 19.07 -20.54
N ASN A 525 -10.92 17.92 -21.13
CA ASN A 525 -10.89 17.70 -22.58
C ASN A 525 -9.74 18.44 -23.26
N LYS A 526 -8.52 18.08 -22.86
CA LYS A 526 -7.34 18.60 -23.53
C LYS A 526 -7.42 18.32 -25.03
N LEU A 527 -7.18 19.36 -25.82
CA LEU A 527 -7.10 19.21 -27.27
C LEU A 527 -5.77 18.62 -27.69
N THR A 528 -5.84 17.70 -28.66
CA THR A 528 -4.66 17.09 -29.25
C THR A 528 -3.89 18.10 -30.11
N ASP A 529 -2.64 17.74 -30.43
CA ASP A 529 -1.82 18.58 -31.30
C ASP A 529 -2.49 18.83 -32.64
N ASP A 530 -3.30 17.88 -33.12
CA ASP A 530 -4.08 18.08 -34.33
C ASP A 530 -5.47 18.65 -34.06
N GLY A 531 -5.83 18.81 -32.79
CA GLY A 531 -7.13 19.33 -32.43
C GLY A 531 -8.20 18.30 -32.17
N HIS A 532 -7.86 17.01 -32.17
CA HIS A 532 -8.78 16.00 -31.69
C HIS A 532 -9.02 16.20 -30.19
N VAL A 533 -10.22 15.83 -29.74
CA VAL A 533 -10.53 15.83 -28.31
C VAL A 533 -9.99 14.55 -27.69
N LEU A 534 -9.00 14.68 -26.81
CA LEU A 534 -8.51 13.53 -26.06
C LEU A 534 -9.54 13.13 -25.01
N ASP A 535 -9.41 11.89 -24.53
CA ASP A 535 -10.01 11.50 -23.26
C ASP A 535 -9.00 11.07 -22.20
N SER A 536 -7.81 10.63 -22.59
CA SER A 536 -6.85 10.12 -21.62
C SER A 536 -5.48 10.04 -22.27
N GLU A 537 -4.44 9.90 -21.43
CA GLU A 537 -3.09 9.68 -21.89
C GLU A 537 -2.39 8.78 -20.89
N THR A 538 -1.43 7.98 -21.38
CA THR A 538 -0.62 7.19 -20.48
C THR A 538 0.68 6.78 -21.15
N TYR A 539 1.64 6.38 -20.32
CA TYR A 539 2.87 5.77 -20.78
C TYR A 539 2.64 4.29 -21.06
N VAL A 540 3.33 3.78 -22.08
CA VAL A 540 3.23 2.35 -22.39
C VAL A 540 3.97 1.56 -21.32
N GLY A 541 3.25 0.69 -20.61
CA GLY A 541 3.84 -0.02 -19.50
C GLY A 541 4.78 -1.13 -19.94
N GLY A 542 5.57 -1.60 -18.98
CA GLY A 542 6.11 -2.94 -19.04
C GLY A 542 5.05 -3.99 -18.78
N HIS A 543 5.38 -5.24 -19.11
CA HIS A 543 4.40 -6.32 -19.15
C HIS A 543 4.97 -7.55 -18.46
N VAL A 544 4.07 -8.47 -18.11
CA VAL A 544 4.43 -9.75 -17.50
C VAL A 544 3.67 -10.88 -18.19
N GLU A 545 4.36 -11.97 -18.46
CA GLU A 545 3.75 -13.13 -19.10
C GLU A 545 4.60 -14.35 -18.79
N ALA A 546 3.95 -15.51 -18.76
CA ALA A 546 4.65 -16.79 -18.71
C ALA A 546 4.98 -17.25 -20.13
N LEU A 547 6.27 -17.41 -20.42
CA LEU A 547 6.68 -17.84 -21.75
C LEU A 547 6.38 -19.31 -21.99
N GLU A 548 6.49 -20.14 -20.95
CA GLU A 548 6.09 -21.54 -21.04
C GLU A 548 5.75 -22.03 -19.64
N SER A 549 5.17 -23.22 -19.58
CA SER A 549 4.58 -23.74 -18.36
C SER A 549 4.91 -25.22 -18.20
N GLY A 550 4.82 -25.69 -16.97
CA GLY A 550 5.17 -27.05 -16.65
C GLY A 550 5.65 -27.17 -15.22
N VAL A 551 6.27 -28.31 -14.93
CA VAL A 551 6.92 -28.56 -13.66
C VAL A 551 8.38 -28.94 -13.89
N PHE A 552 9.23 -28.56 -12.94
CA PHE A 552 10.67 -28.67 -13.10
C PHE A 552 11.27 -29.00 -11.74
N ARG A 553 12.35 -29.77 -11.75
CA ARG A 553 12.95 -30.27 -10.52
C ARG A 553 14.43 -30.47 -10.72
N SER A 554 15.17 -30.37 -9.61
CA SER A 554 16.63 -30.45 -9.62
C SER A 554 17.17 -31.77 -10.13
N ASP A 555 16.33 -32.79 -10.23
CA ASP A 555 16.79 -34.17 -10.32
C ASP A 555 16.12 -34.99 -11.42
N ILE A 556 15.26 -34.38 -12.22
CA ILE A 556 14.58 -35.07 -13.31
C ILE A 556 15.19 -34.58 -14.63
N PRO A 557 15.68 -35.48 -15.49
CA PRO A 557 16.30 -35.05 -16.75
C PRO A 557 15.41 -34.14 -17.58
N CYS A 558 16.06 -33.26 -18.35
CA CYS A 558 15.37 -32.41 -19.32
C CYS A 558 16.33 -32.20 -20.49
N ARG A 559 15.90 -31.40 -21.46
CA ARG A 559 16.59 -31.26 -22.73
C ARG A 559 16.89 -29.80 -23.02
N PHE A 560 18.00 -29.56 -23.71
CA PHE A 560 18.32 -28.23 -24.21
C PHE A 560 18.90 -28.31 -25.62
N ARG A 561 18.71 -27.23 -26.37
CA ARG A 561 19.54 -26.85 -27.51
C ARG A 561 20.13 -25.48 -27.23
N MET A 562 21.47 -25.40 -27.23
CA MET A 562 22.19 -24.13 -27.19
C MET A 562 22.88 -23.89 -28.52
N ASN A 563 22.73 -22.67 -29.05
CA ASN A 563 23.40 -22.26 -30.27
C ASN A 563 24.91 -22.43 -30.14
N PRO A 564 25.55 -23.25 -31.00
CA PRO A 564 26.96 -23.59 -30.76
C PRO A 564 27.91 -22.41 -30.85
N ALA A 565 27.53 -21.34 -31.57
CA ALA A 565 28.36 -20.15 -31.66
C ALA A 565 28.19 -19.18 -30.51
N ALA A 566 27.16 -19.36 -29.67
CA ALA A 566 26.87 -18.38 -28.63
C ALA A 566 27.94 -18.37 -27.56
N PHE A 567 28.35 -19.55 -27.09
CA PHE A 567 29.35 -19.60 -26.03
C PHE A 567 30.67 -18.96 -26.43
N ASP A 568 30.97 -18.88 -27.73
CA ASP A 568 32.18 -18.19 -28.18
C ASP A 568 32.22 -16.75 -27.67
N PHE A 569 31.09 -16.06 -27.75
CA PHE A 569 31.03 -14.66 -27.32
C PHE A 569 31.24 -14.52 -25.83
N LEU A 570 31.16 -15.62 -25.08
CA LEU A 570 31.57 -15.59 -23.68
C LEU A 570 33.05 -15.91 -23.55
N LEU A 571 33.50 -17.02 -24.14
CA LEU A 571 34.86 -17.48 -23.88
C LEU A 571 35.92 -16.49 -24.35
N GLN A 572 35.60 -15.62 -25.30
CA GLN A 572 36.58 -14.65 -25.77
C GLN A 572 36.66 -13.40 -24.91
N ARG A 573 35.89 -13.31 -23.81
CA ARG A 573 35.92 -12.10 -22.97
C ARG A 573 36.06 -12.43 -21.49
N VAL A 574 36.45 -13.66 -21.16
CA VAL A 574 36.35 -14.14 -19.78
C VAL A 574 37.16 -13.26 -18.83
N GLU A 575 38.45 -13.05 -19.13
CA GLU A 575 39.32 -12.34 -18.19
C GLU A 575 38.81 -10.94 -17.86
N LYS A 576 38.46 -10.18 -18.90
CA LYS A 576 37.87 -8.86 -18.66
C LYS A 576 36.67 -8.96 -17.75
N THR A 577 35.83 -9.96 -17.99
CA THR A 577 34.60 -10.07 -17.21
C THR A 577 34.94 -10.31 -15.76
N LEU A 578 35.84 -11.26 -15.50
CA LEU A 578 36.18 -11.51 -14.11
C LEU A 578 36.93 -10.32 -13.51
N ARG A 579 37.75 -9.65 -14.31
CA ARG A 579 38.36 -8.42 -13.81
C ARG A 579 37.26 -7.49 -13.31
N HIS A 580 36.29 -7.20 -14.18
CA HIS A 580 35.24 -6.29 -13.78
C HIS A 580 34.55 -6.78 -12.52
N ALA A 581 34.27 -8.08 -12.46
CA ALA A 581 33.57 -8.63 -11.30
C ALA A 581 34.34 -8.38 -10.02
N LEU A 582 35.66 -8.49 -10.05
CA LEU A 582 36.42 -8.11 -8.87
C LEU A 582 36.47 -6.59 -8.72
N GLU A 583 36.85 -5.88 -9.78
CA GLU A 583 37.16 -4.47 -9.64
C GLU A 583 35.92 -3.60 -9.49
N GLU A 584 34.80 -3.98 -10.10
CA GLU A 584 33.58 -3.19 -9.93
C GLU A 584 32.95 -3.38 -8.56
N GLU A 585 32.71 -4.62 -8.15
CA GLU A 585 32.04 -4.88 -6.89
C GLU A 585 32.98 -4.93 -5.70
N GLU A 586 34.06 -5.72 -5.79
CA GLU A 586 34.92 -5.94 -4.64
C GLU A 586 35.89 -4.79 -4.41
N LYS A 587 36.37 -4.15 -5.48
CA LYS A 587 37.35 -3.06 -5.41
C LYS A 587 38.67 -3.52 -4.79
N VAL A 588 38.85 -4.81 -4.55
CA VAL A 588 40.15 -5.38 -4.23
C VAL A 588 41.01 -5.37 -5.50
N PRO A 589 42.17 -4.73 -5.49
CA PRO A 589 43.01 -4.75 -6.70
C PRO A 589 43.38 -6.17 -7.10
N VAL A 590 43.43 -6.40 -8.41
CA VAL A 590 43.76 -7.70 -8.97
C VAL A 590 45.15 -8.16 -8.57
N GLU A 591 46.04 -7.22 -8.24
CA GLU A 591 47.38 -7.58 -7.79
C GLU A 591 47.38 -8.39 -6.51
N GLN A 592 46.29 -8.35 -5.74
CA GLN A 592 46.17 -9.20 -4.56
C GLN A 592 45.88 -10.67 -4.91
N VAL A 593 45.43 -10.95 -6.13
CA VAL A 593 44.93 -12.29 -6.44
C VAL A 593 46.10 -13.24 -6.65
N THR A 594 46.05 -14.38 -5.96
CA THR A 594 47.12 -15.37 -6.01
C THR A 594 46.87 -16.50 -7.01
N ASN A 595 45.63 -16.68 -7.47
CA ASN A 595 45.29 -17.80 -8.34
C ASN A 595 44.39 -17.35 -9.49
N PHE A 596 44.59 -16.12 -9.96
CA PHE A 596 43.75 -15.56 -11.01
C PHE A 596 43.67 -16.46 -12.25
N GLU A 597 44.82 -16.99 -12.68
CA GLU A 597 44.84 -17.82 -13.89
C GLU A 597 44.17 -19.17 -13.71
N GLU A 598 44.33 -19.80 -12.55
CA GLU A 598 43.81 -21.17 -12.36
C GLU A 598 42.31 -21.24 -12.59
N VAL A 599 41.55 -20.36 -11.92
CA VAL A 599 40.10 -20.38 -12.06
C VAL A 599 39.68 -20.02 -13.49
N CYS A 600 40.36 -19.05 -14.11
CA CYS A 600 40.02 -18.72 -15.48
C CYS A 600 40.26 -19.90 -16.41
N ASP A 601 41.33 -20.66 -16.17
CA ASP A 601 41.61 -21.84 -16.98
C ASP A 601 40.55 -22.91 -16.81
N GLU A 602 40.09 -23.11 -15.57
CA GLU A 602 38.96 -24.02 -15.35
C GLU A 602 37.71 -23.56 -16.08
N ILE A 603 37.37 -22.29 -15.93
CA ILE A 603 36.16 -21.76 -16.58
C ILE A 603 36.25 -21.92 -18.09
N LYS A 604 37.41 -21.60 -18.67
CA LYS A 604 37.62 -21.83 -20.10
C LYS A 604 37.42 -23.29 -20.47
N SER A 605 37.92 -24.22 -19.66
CA SER A 605 37.74 -25.64 -19.98
C SER A 605 36.26 -26.02 -19.94
N LYS A 606 35.52 -25.49 -18.98
CA LYS A 606 34.10 -25.81 -18.88
C LYS A 606 33.30 -25.22 -20.03
N LEU A 607 33.61 -23.98 -20.42
CA LEU A 607 32.96 -23.41 -21.61
C LEU A 607 33.30 -24.21 -22.86
N ALA A 608 34.54 -24.71 -22.95
CA ALA A 608 34.87 -25.59 -24.06
C ALA A 608 34.02 -26.86 -24.05
N SER A 609 33.84 -27.45 -22.87
CA SER A 609 32.92 -28.59 -22.73
C SER A 609 31.49 -28.25 -23.13
N LEU A 610 31.07 -26.99 -22.92
CA LEU A 610 29.77 -26.54 -23.45
C LEU A 610 29.76 -26.49 -24.97
N LYS A 611 30.79 -25.91 -25.57
CA LYS A 611 30.87 -25.84 -27.03
C LYS A 611 30.93 -27.23 -27.65
N ASP A 612 31.54 -28.18 -26.96
CA ASP A 612 31.69 -29.55 -27.48
C ASP A 612 30.34 -30.23 -27.72
N VAL A 613 29.30 -29.87 -26.95
CA VAL A 613 28.00 -30.51 -27.12
C VAL A 613 26.90 -29.45 -27.07
N PRO A 614 26.54 -28.89 -28.23
CA PRO A 614 25.57 -27.78 -28.24
C PRO A 614 24.18 -28.16 -27.78
N SER A 615 23.75 -29.40 -27.97
CA SER A 615 22.44 -29.85 -27.55
C SER A 615 22.56 -31.12 -26.71
N ARG A 616 21.78 -31.18 -25.63
CA ARG A 616 22.13 -32.01 -24.49
C ARG A 616 20.87 -32.48 -23.78
N ILE A 617 21.00 -33.63 -23.12
CA ILE A 617 20.08 -34.07 -22.06
C ILE A 617 20.81 -33.96 -20.73
N GLU A 618 20.22 -33.21 -19.80
CA GLU A 618 20.89 -32.88 -18.55
C GLU A 618 19.85 -32.49 -17.50
N CYS A 619 20.27 -32.56 -16.24
CA CYS A 619 19.44 -32.04 -15.16
C CYS A 619 19.45 -30.52 -15.16
N PRO A 620 18.33 -29.86 -14.90
CA PRO A 620 18.29 -28.40 -14.88
C PRO A 620 18.68 -27.80 -13.54
N LEU A 621 19.34 -26.65 -13.60
CA LEU A 621 19.37 -25.68 -12.52
C LEU A 621 18.15 -24.77 -12.60
N ILE A 622 17.88 -24.06 -11.51
CA ILE A 622 16.97 -22.92 -11.53
C ILE A 622 17.61 -21.73 -10.81
N TYR A 623 17.42 -20.54 -11.37
CA TYR A 623 17.84 -19.31 -10.71
C TYR A 623 16.81 -18.22 -10.94
N HIS A 624 16.78 -17.26 -10.01
CA HIS A 624 16.04 -16.01 -10.15
C HIS A 624 17.01 -14.84 -10.24
N LEU A 625 16.94 -14.11 -11.34
CA LEU A 625 17.74 -12.92 -11.59
C LEU A 625 16.91 -11.68 -11.29
N ASP A 626 17.45 -10.77 -10.48
CA ASP A 626 16.63 -9.69 -9.91
C ASP A 626 17.44 -8.40 -9.90
N VAL A 627 16.86 -7.36 -10.50
CA VAL A 627 17.48 -6.02 -10.50
C VAL A 627 16.92 -5.28 -9.29
N GLY A 628 17.53 -5.53 -8.14
CA GLY A 628 17.07 -4.93 -6.89
C GLY A 628 17.02 -3.42 -6.93
N ALA A 629 15.86 -2.85 -6.61
CA ALA A 629 15.65 -1.40 -6.62
C ALA A 629 16.11 -0.77 -7.94
N MET A 630 15.62 -1.31 -9.04
CA MET A 630 16.04 -0.84 -10.37
C MET A 630 15.67 0.63 -10.58
N TYR A 631 14.45 1.02 -10.18
CA TYR A 631 13.95 2.34 -10.55
C TYR A 631 14.72 3.47 -9.86
N PRO A 632 14.93 3.45 -8.54
CA PRO A 632 15.79 4.49 -7.96
C PRO A 632 17.16 4.55 -8.59
N ASN A 633 17.78 3.40 -8.87
CA ASN A 633 19.11 3.44 -9.49
C ASN A 633 19.05 4.12 -10.84
N ILE A 634 18.00 3.86 -11.62
CA ILE A 634 17.88 4.54 -12.91
C ILE A 634 17.74 6.03 -12.72
N ILE A 635 16.98 6.44 -11.69
CA ILE A 635 16.83 7.88 -11.47
C ILE A 635 18.16 8.51 -11.08
N LEU A 636 18.94 7.80 -10.27
CA LEU A 636 20.30 8.24 -9.94
C LEU A 636 21.22 8.27 -11.16
N THR A 637 20.89 7.53 -12.21
CA THR A 637 21.85 7.29 -13.28
C THR A 637 21.79 8.33 -14.39
N ASN A 638 20.68 9.05 -14.57
CA ASN A 638 20.55 9.99 -15.67
C ASN A 638 20.27 11.41 -15.23
N ARG A 639 20.24 11.70 -13.93
CA ARG A 639 19.86 13.01 -13.41
C ARG A 639 18.46 13.43 -13.87
N LEU A 640 17.53 12.48 -13.95
CA LEU A 640 16.13 12.83 -14.08
C LEU A 640 15.69 13.68 -12.89
N GLN A 641 15.10 14.83 -13.17
CA GLN A 641 14.45 15.62 -12.14
C GLN A 641 13.14 16.18 -12.65
N PRO A 642 12.08 16.20 -11.83
CA PRO A 642 10.78 16.67 -12.33
C PRO A 642 10.82 18.07 -12.90
N SER A 643 11.74 18.92 -12.44
CA SER A 643 11.88 20.26 -13.00
C SER A 643 12.71 20.29 -14.27
N ALA A 644 13.48 19.24 -14.56
CA ALA A 644 14.60 19.35 -15.49
C ALA A 644 14.32 18.80 -16.87
N MET A 645 13.12 18.26 -17.12
CA MET A 645 12.75 17.83 -18.47
C MET A 645 12.32 19.03 -19.29
N VAL A 646 13.30 19.90 -19.58
CA VAL A 646 13.03 21.16 -20.25
C VAL A 646 12.53 20.92 -21.67
N ASP A 647 11.67 21.81 -22.14
CA ASP A 647 11.30 21.84 -23.55
C ASP A 647 12.49 22.32 -24.37
N GLU A 648 12.35 22.21 -25.70
CA GLU A 648 13.40 22.70 -26.58
C GLU A 648 13.44 24.21 -26.62
N ALA A 649 12.28 24.86 -26.58
CA ALA A 649 12.24 26.32 -26.74
C ALA A 649 13.11 27.04 -25.72
N THR A 650 13.25 26.50 -24.52
CA THR A 650 14.08 27.14 -23.51
C THR A 650 15.54 27.26 -23.96
N CYS A 651 16.04 26.31 -24.75
CA CYS A 651 17.40 26.39 -25.25
C CYS A 651 17.55 27.42 -26.37
N ALA A 652 16.48 28.13 -26.72
CA ALA A 652 16.64 29.36 -27.50
C ALA A 652 17.31 30.47 -26.70
N ALA A 653 17.24 30.41 -25.37
CA ALA A 653 17.62 31.53 -24.52
C ALA A 653 18.75 31.22 -23.56
N CYS A 654 18.97 29.96 -23.18
CA CYS A 654 20.05 29.62 -22.27
C CYS A 654 21.39 29.96 -22.90
N ASP A 655 22.10 30.90 -22.27
CA ASP A 655 23.35 31.40 -22.83
C ASP A 655 24.41 30.31 -22.99
N PHE A 656 24.27 29.20 -22.26
CA PHE A 656 25.21 28.10 -22.40
C PHE A 656 25.06 27.34 -23.71
N ASN A 657 23.97 27.55 -24.45
CA ASN A 657 23.73 26.84 -25.70
C ASN A 657 24.63 27.44 -26.79
N LYS A 658 25.93 27.16 -26.65
CA LYS A 658 26.92 27.62 -27.62
C LYS A 658 27.63 26.42 -28.26
N PRO A 659 28.14 26.58 -29.48
CA PRO A 659 28.82 25.49 -30.16
C PRO A 659 29.80 24.76 -29.25
N GLY A 660 29.75 23.43 -29.29
CA GLY A 660 30.47 22.62 -28.34
C GLY A 660 29.71 22.30 -27.07
N ALA A 661 28.48 22.76 -26.93
CA ALA A 661 27.67 22.41 -25.77
C ALA A 661 27.48 20.89 -25.70
N ASN A 662 27.89 20.31 -24.58
CA ASN A 662 27.77 18.89 -24.33
C ASN A 662 26.55 18.54 -23.48
N CYS A 663 25.83 19.53 -22.97
CA CYS A 663 24.89 19.32 -21.88
C CYS A 663 23.55 18.72 -22.33
N GLN A 664 23.20 18.81 -23.60
CA GLN A 664 21.94 18.22 -24.04
C GLN A 664 22.02 16.70 -24.01
N ARG A 665 21.01 16.07 -23.42
CA ARG A 665 20.84 14.62 -23.45
C ARG A 665 19.38 14.33 -23.76
N LYS A 666 19.13 13.39 -24.67
CA LYS A 666 17.77 13.15 -25.13
C LYS A 666 17.48 11.66 -25.24
N MET A 667 16.24 11.30 -24.88
CA MET A 667 15.80 9.93 -24.67
C MET A 667 14.38 9.78 -25.19
N ALA A 668 13.98 8.55 -25.46
CA ALA A 668 12.71 8.30 -26.14
C ALA A 668 11.80 7.42 -25.28
N TRP A 669 10.49 7.69 -25.38
CA TRP A 669 9.47 6.96 -24.64
C TRP A 669 8.24 6.79 -25.51
N GLN A 670 7.40 5.82 -25.16
CA GLN A 670 6.19 5.52 -25.90
C GLN A 670 4.94 6.02 -25.18
N TRP A 671 4.13 6.78 -25.91
CA TRP A 671 2.95 7.48 -25.41
C TRP A 671 1.71 6.89 -26.07
N ARG A 672 0.61 6.82 -25.30
CA ARG A 672 -0.66 6.36 -25.83
C ARG A 672 -1.63 7.52 -25.94
N GLY A 673 -2.24 7.67 -27.11
CA GLY A 673 -3.43 8.48 -27.29
C GLY A 673 -4.69 7.65 -27.29
N GLU A 674 -5.79 8.31 -26.95
CA GLU A 674 -7.13 7.71 -27.00
C GLU A 674 -8.11 8.85 -27.26
N PHE A 675 -8.72 8.87 -28.44
CA PHE A 675 -9.48 10.05 -28.83
C PHE A 675 -10.63 9.69 -29.77
N MET A 676 -11.64 10.57 -29.77
CA MET A 676 -12.81 10.49 -30.63
C MET A 676 -12.57 11.18 -31.96
N PRO A 677 -13.23 10.71 -33.03
CA PRO A 677 -12.82 11.10 -34.39
C PRO A 677 -13.24 12.50 -34.81
N ALA A 678 -13.99 13.22 -33.98
CA ALA A 678 -14.53 14.51 -34.39
C ALA A 678 -13.41 15.50 -34.69
N SER A 679 -13.54 16.20 -35.80
CA SER A 679 -12.52 17.15 -36.25
C SER A 679 -12.68 18.50 -35.56
N ARG A 680 -11.57 19.26 -35.58
CA ARG A 680 -11.46 20.48 -34.77
C ARG A 680 -12.56 21.48 -35.08
N SER A 681 -12.87 21.68 -36.36
CA SER A 681 -13.96 22.58 -36.74
C SER A 681 -15.31 22.09 -36.26
N GLU A 682 -15.49 20.79 -36.06
CA GLU A 682 -16.81 20.28 -35.69
C GLU A 682 -17.06 20.44 -34.20
N TYR A 683 -16.02 20.37 -33.38
CA TYR A 683 -16.19 20.71 -31.97
C TYR A 683 -16.66 22.15 -31.80
N HIS A 684 -16.06 23.09 -32.54
CA HIS A 684 -16.58 24.46 -32.54
C HIS A 684 -17.97 24.57 -33.14
N ARG A 685 -18.29 23.73 -34.14
CA ARG A 685 -19.63 23.74 -34.71
C ARG A 685 -20.69 23.33 -33.68
N ILE A 686 -20.38 22.33 -32.86
CA ILE A 686 -21.32 21.95 -31.79
C ILE A 686 -21.28 22.96 -30.64
N GLN A 687 -20.13 23.57 -30.36
CA GLN A 687 -20.14 24.70 -29.42
C GLN A 687 -21.13 25.77 -29.86
N HIS A 688 -21.14 26.10 -31.15
CA HIS A 688 -22.08 27.09 -31.64
C HIS A 688 -23.52 26.61 -31.64
N GLN A 689 -23.77 25.34 -31.30
CA GLN A 689 -25.12 24.90 -30.96
C GLN A 689 -25.39 25.09 -29.48
N LEU A 690 -24.38 24.82 -28.64
CA LEU A 690 -24.56 24.94 -27.20
C LEU A 690 -24.72 26.39 -26.78
N GLU A 691 -24.19 27.33 -27.57
CA GLU A 691 -24.35 28.75 -27.28
C GLU A 691 -25.81 29.19 -27.21
N SER A 692 -26.74 28.42 -27.78
CA SER A 692 -28.15 28.76 -27.71
C SER A 692 -28.91 28.12 -26.55
N GLU A 693 -28.31 27.17 -25.84
CA GLU A 693 -29.10 26.25 -25.04
C GLU A 693 -29.22 26.76 -23.60
N LYS A 694 -30.25 26.26 -22.90
CA LYS A 694 -30.55 26.65 -21.53
C LYS A 694 -30.75 25.41 -20.68
N PHE A 695 -30.20 25.45 -19.46
CA PHE A 695 -30.10 24.31 -18.58
C PHE A 695 -30.62 24.66 -17.20
N PRO A 696 -31.22 23.70 -16.50
CA PRO A 696 -31.59 23.92 -15.11
C PRO A 696 -30.36 23.91 -14.21
N PRO A 697 -30.31 24.79 -13.19
CA PRO A 697 -29.26 24.69 -12.18
C PRO A 697 -29.44 23.52 -11.22
N LEU A 698 -28.53 23.43 -10.25
CA LEU A 698 -28.54 22.31 -9.30
C LEU A 698 -29.89 22.09 -8.65
N PHE A 699 -30.65 23.16 -8.39
CA PHE A 699 -32.05 23.03 -8.02
C PHE A 699 -32.95 23.54 -9.13
N PRO A 700 -33.86 22.72 -9.66
CA PRO A 700 -34.80 23.22 -10.68
C PRO A 700 -35.66 24.39 -10.19
N GLU A 701 -35.69 24.64 -8.88
CA GLU A 701 -36.34 25.86 -8.38
C GLU A 701 -35.52 27.10 -8.68
N GLY A 702 -34.23 26.97 -8.94
CA GLY A 702 -33.41 28.07 -9.35
C GLY A 702 -33.63 28.43 -10.81
N PRO A 703 -33.23 29.64 -11.20
CA PRO A 703 -33.48 30.08 -12.57
C PRO A 703 -32.67 29.28 -13.58
N ALA A 704 -33.30 28.99 -14.71
CA ALA A 704 -32.63 28.21 -15.76
C ALA A 704 -31.46 29.00 -16.33
N ARG A 705 -30.35 28.31 -16.53
CA ARG A 705 -29.07 28.95 -16.83
C ARG A 705 -28.73 28.78 -18.30
N ALA A 706 -28.27 29.87 -18.92
CA ALA A 706 -27.59 29.78 -20.20
C ALA A 706 -26.24 29.09 -20.05
N PHE A 707 -25.75 28.54 -21.17
CA PHE A 707 -24.48 27.82 -21.15
C PHE A 707 -23.32 28.69 -20.69
N HIS A 708 -23.45 30.01 -20.76
CA HIS A 708 -22.44 30.91 -20.20
C HIS A 708 -22.29 30.73 -18.70
N GLU A 709 -23.38 30.43 -18.00
CA GLU A 709 -23.40 30.47 -16.54
C GLU A 709 -23.01 29.16 -15.90
N LEU A 710 -22.87 28.08 -16.67
CA LEU A 710 -22.67 26.76 -16.08
C LEU A 710 -21.26 26.62 -15.53
N SER A 711 -21.12 25.72 -14.55
CA SER A 711 -19.81 25.29 -14.09
C SER A 711 -19.22 24.22 -15.01
N ARG A 712 -17.89 24.17 -15.02
CA ARG A 712 -17.17 23.35 -16.00
C ARG A 712 -17.55 21.87 -15.88
N GLU A 713 -17.79 21.40 -14.66
CA GLU A 713 -17.98 19.96 -14.42
C GLU A 713 -19.28 19.41 -14.99
N GLU A 714 -20.26 20.27 -15.30
CA GLU A 714 -21.39 19.85 -16.12
C GLU A 714 -21.23 20.17 -17.60
N GLN A 715 -20.65 21.34 -17.93
CA GLN A 715 -20.39 21.67 -19.33
C GLN A 715 -19.64 20.54 -20.03
N ALA A 716 -18.55 20.09 -19.41
CA ALA A 716 -17.67 19.11 -20.05
C ALA A 716 -18.41 17.80 -20.35
N LYS A 717 -19.24 17.35 -19.42
CA LYS A 717 -20.01 16.12 -19.66
C LYS A 717 -21.11 16.34 -20.69
N TYR A 718 -21.75 17.51 -20.69
CA TYR A 718 -22.81 17.75 -21.67
C TYR A 718 -22.25 17.79 -23.08
N GLU A 719 -21.15 18.51 -23.29
CA GLU A 719 -20.55 18.56 -24.61
C GLU A 719 -19.95 17.20 -24.98
N LYS A 720 -19.35 16.50 -24.03
CA LYS A 720 -18.75 15.21 -24.36
C LYS A 720 -19.82 14.18 -24.78
N ARG A 721 -20.93 14.11 -24.03
CA ARG A 721 -22.01 13.22 -24.44
C ARG A 721 -22.61 13.61 -25.77
N ARG A 722 -22.78 14.91 -26.04
CA ARG A 722 -23.38 15.28 -27.32
C ARG A 722 -22.44 15.06 -28.50
N LEU A 723 -21.13 15.25 -28.30
CA LEU A 723 -20.15 14.89 -29.33
C LEU A 723 -20.04 13.38 -29.50
N ALA A 724 -20.26 12.61 -28.44
CA ALA A 724 -20.29 11.17 -28.57
C ALA A 724 -21.49 10.71 -29.38
N ASP A 725 -22.69 11.20 -29.05
CA ASP A 725 -23.86 10.82 -29.83
C ASP A 725 -23.77 11.32 -31.26
N TYR A 726 -23.14 12.48 -31.49
CA TYR A 726 -22.82 12.90 -32.86
C TYR A 726 -21.97 11.88 -33.60
N CYS A 727 -20.87 11.44 -32.99
CA CYS A 727 -20.00 10.48 -33.67
C CYS A 727 -20.67 9.11 -33.83
N ARG A 728 -21.46 8.69 -32.85
CA ARG A 728 -22.04 7.35 -32.84
C ARG A 728 -22.82 7.09 -34.12
N LYS A 729 -23.57 8.07 -34.61
CA LYS A 729 -24.07 8.04 -35.98
C LYS A 729 -22.98 8.35 -37.01
N ALA A 730 -22.24 9.44 -36.82
CA ALA A 730 -21.53 10.01 -37.95
C ALA A 730 -20.26 9.26 -38.34
N TYR A 731 -19.71 8.40 -37.50
CA TYR A 731 -18.53 7.64 -37.85
C TYR A 731 -18.66 6.19 -37.45
N LYS A 732 -17.99 5.33 -38.23
CA LYS A 732 -18.21 3.88 -38.11
C LYS A 732 -17.63 3.31 -36.83
N LYS A 733 -16.59 3.96 -36.28
CA LYS A 733 -16.00 3.56 -35.01
C LYS A 733 -15.72 4.82 -34.20
N ILE A 734 -15.99 4.74 -32.90
CA ILE A 734 -16.07 5.93 -32.06
C ILE A 734 -14.80 6.24 -31.27
N HIS A 735 -13.97 5.25 -30.95
CA HIS A 735 -12.71 5.49 -30.25
C HIS A 735 -11.53 5.04 -31.09
N ILE A 736 -10.50 5.89 -31.18
CA ILE A 736 -9.21 5.55 -31.76
C ILE A 736 -8.21 5.39 -30.63
N THR A 737 -7.44 4.30 -30.67
CA THR A 737 -6.30 4.06 -29.79
C THR A 737 -5.02 4.15 -30.62
N LYS A 738 -4.07 4.96 -30.18
CA LYS A 738 -2.89 5.24 -30.97
C LYS A 738 -1.64 5.15 -30.09
N VAL A 739 -0.58 4.57 -30.64
CA VAL A 739 0.73 4.53 -29.99
C VAL A 739 1.69 5.40 -30.79
N GLU A 740 2.49 6.20 -30.09
CA GLU A 740 3.44 7.07 -30.77
C GLU A 740 4.69 7.25 -29.90
N GLU A 741 5.83 7.44 -30.56
CA GLU A 741 7.12 7.49 -29.86
C GLU A 741 7.65 8.92 -29.85
N ARG A 742 7.97 9.43 -28.66
CA ARG A 742 8.36 10.81 -28.48
C ARG A 742 9.77 10.89 -27.91
N LEU A 743 10.49 11.93 -28.33
CA LEU A 743 11.89 12.17 -27.98
C LEU A 743 11.99 13.45 -27.16
N THR A 744 12.51 13.33 -25.94
CA THR A 744 12.54 14.43 -24.98
C THR A 744 13.97 14.70 -24.54
N THR A 745 14.27 15.96 -24.25
CA THR A 745 15.59 16.38 -23.81
C THR A 745 15.59 16.65 -22.30
N ILE A 746 16.57 16.08 -21.61
CA ILE A 746 16.63 16.09 -20.15
C ILE A 746 17.80 16.96 -19.70
N CYS A 747 17.50 18.13 -19.13
CA CYS A 747 18.51 19.15 -18.94
C CYS A 747 19.44 18.72 -17.81
N GLN A 748 20.73 18.55 -18.13
CA GLN A 748 21.70 17.95 -17.24
C GLN A 748 22.17 18.85 -16.10
N ARG A 749 21.78 20.12 -16.07
CA ARG A 749 22.43 21.06 -15.15
C ARG A 749 21.46 21.86 -14.30
N GLU A 750 20.20 21.43 -14.17
CA GLU A 750 19.34 21.99 -13.15
C GLU A 750 19.86 21.65 -11.75
N ASN A 751 19.36 22.40 -10.76
CA ASN A 751 19.75 22.21 -9.37
C ASN A 751 19.54 20.77 -8.89
N SER A 752 20.57 20.24 -8.22
CA SER A 752 20.78 18.82 -8.01
C SER A 752 20.05 18.25 -6.79
N PHE A 753 19.29 19.07 -6.06
CA PHE A 753 18.87 18.70 -4.71
C PHE A 753 18.07 17.40 -4.64
N TYR A 754 17.28 17.10 -5.68
CA TYR A 754 16.45 15.90 -5.68
C TYR A 754 17.29 14.63 -5.74
N VAL A 755 18.23 14.56 -6.69
CA VAL A 755 19.10 13.40 -6.75
C VAL A 755 19.96 13.29 -5.51
N ASP A 756 20.46 14.42 -4.99
CA ASP A 756 21.23 14.35 -3.75
C ASP A 756 20.40 13.81 -2.59
N THR A 757 19.10 14.09 -2.58
CA THR A 757 18.21 13.48 -1.59
C THR A 757 18.14 11.98 -1.74
N VAL A 758 17.90 11.51 -2.97
CA VAL A 758 17.80 10.07 -3.17
C VAL A 758 19.10 9.39 -2.81
N ARG A 759 20.23 9.97 -3.22
CA ARG A 759 21.54 9.38 -2.92
C ARG A 759 21.77 9.30 -1.41
N ALA A 760 21.44 10.36 -0.67
CA ALA A 760 21.60 10.33 0.77
C ALA A 760 20.78 9.20 1.38
N PHE A 761 19.54 9.01 0.92
CA PHE A 761 18.72 7.96 1.51
C PHE A 761 19.27 6.58 1.16
N ARG A 762 19.73 6.41 -0.08
CA ARG A 762 20.30 5.14 -0.48
C ARG A 762 21.47 4.76 0.41
N ASP A 763 22.42 5.68 0.61
CA ASP A 763 23.62 5.32 1.36
C ASP A 763 23.32 5.13 2.84
N ARG A 764 22.46 5.98 3.40
CA ARG A 764 22.10 5.82 4.80
C ARG A 764 21.44 4.47 5.07
N ARG A 765 20.57 4.01 4.16
CA ARG A 765 19.98 2.68 4.37
C ARG A 765 21.04 1.60 4.53
N TYR A 766 22.07 1.62 3.68
CA TYR A 766 23.11 0.60 3.80
C TYR A 766 23.93 0.74 5.07
N GLU A 767 24.16 1.98 5.53
CA GLU A 767 24.81 2.15 6.82
C GLU A 767 24.00 1.51 7.94
N PHE A 768 22.69 1.78 7.96
CA PHE A 768 21.85 1.23 9.02
C PHE A 768 21.74 -0.29 8.95
N LYS A 769 21.70 -0.87 7.75
CA LYS A 769 21.77 -2.32 7.64
C LYS A 769 23.09 -2.86 8.20
N GLY A 770 24.19 -2.16 7.97
CA GLY A 770 25.45 -2.57 8.57
C GLY A 770 25.39 -2.60 10.09
N LEU A 771 24.94 -1.49 10.68
CA LEU A 771 24.85 -1.46 12.13
C LEU A 771 23.86 -2.49 12.66
N HIS A 772 22.79 -2.77 11.91
CA HIS A 772 21.87 -3.82 12.32
C HIS A 772 22.59 -5.17 12.41
N LYS A 773 23.42 -5.47 11.43
CA LYS A 773 24.18 -6.72 11.48
C LYS A 773 25.11 -6.76 12.69
N VAL A 774 25.82 -5.66 12.94
CA VAL A 774 26.70 -5.59 14.09
C VAL A 774 25.91 -5.88 15.38
N TRP A 775 24.78 -5.20 15.54
CA TRP A 775 24.01 -5.38 16.76
C TRP A 775 23.40 -6.77 16.87
N LYS A 776 23.03 -7.39 15.75
CA LYS A 776 22.53 -8.77 15.83
C LYS A 776 23.62 -9.72 16.33
N LYS A 777 24.87 -9.47 15.93
CA LYS A 777 25.97 -10.23 16.54
C LYS A 777 26.11 -9.93 18.03
N LYS A 778 26.11 -8.66 18.39
CA LYS A 778 26.20 -8.32 19.81
C LYS A 778 25.06 -8.95 20.61
N LEU A 779 23.85 -8.98 20.04
CA LEU A 779 22.74 -9.69 20.66
C LEU A 779 23.03 -11.16 20.83
N SER A 780 23.63 -11.80 19.82
CA SER A 780 23.99 -13.21 19.99
C SER A 780 24.97 -13.40 21.14
N ALA A 781 25.87 -12.43 21.34
CA ALA A 781 26.74 -12.47 22.51
C ALA A 781 25.99 -12.25 23.81
N ALA A 782 25.01 -11.34 23.82
CA ALA A 782 24.17 -11.15 25.00
C ALA A 782 23.37 -12.40 25.34
N VAL A 783 22.90 -13.11 24.32
CA VAL A 783 22.23 -14.39 24.52
C VAL A 783 23.20 -15.41 25.13
N GLU A 784 24.44 -15.41 24.67
CA GLU A 784 25.42 -16.32 25.25
C GLU A 784 25.69 -15.97 26.70
N VAL A 785 25.86 -14.69 27.02
CA VAL A 785 26.12 -14.28 28.40
C VAL A 785 24.86 -14.40 29.26
N GLY A 786 23.69 -14.18 28.69
CA GLY A 786 22.46 -14.37 29.45
C GLY A 786 22.21 -13.32 30.52
N ASP A 787 22.67 -12.09 30.31
CA ASP A 787 22.53 -11.02 31.30
C ASP A 787 21.35 -10.14 30.89
N ALA A 788 20.29 -10.15 31.71
CA ALA A 788 19.03 -9.53 31.31
C ALA A 788 19.20 -8.06 30.98
N ALA A 789 20.08 -7.36 31.70
CA ALA A 789 20.29 -5.94 31.41
C ALA A 789 20.91 -5.74 30.03
N GLU A 790 21.94 -6.53 29.71
CA GLU A 790 22.56 -6.45 28.40
C GLU A 790 21.61 -6.94 27.31
N VAL A 791 20.85 -8.00 27.59
CA VAL A 791 19.86 -8.46 26.63
C VAL A 791 18.84 -7.36 26.33
N LYS A 792 18.36 -6.68 27.36
CA LYS A 792 17.47 -5.53 27.17
C LYS A 792 18.10 -4.46 26.30
N ARG A 793 19.33 -4.07 26.61
CA ARG A 793 19.99 -3.00 25.85
C ARG A 793 20.17 -3.40 24.39
N CYS A 794 20.79 -4.55 24.15
CA CYS A 794 21.13 -4.92 22.78
C CYS A 794 19.88 -5.19 21.95
N LYS A 795 18.86 -5.85 22.54
CA LYS A 795 17.62 -6.06 21.80
C LYS A 795 16.93 -4.74 21.47
N ASN A 796 16.95 -3.77 22.40
CA ASN A 796 16.34 -2.48 22.08
C ASN A 796 17.07 -1.76 20.96
N MET A 797 18.42 -1.86 20.94
CA MET A 797 19.17 -1.34 19.81
C MET A 797 18.83 -2.07 18.52
N GLU A 798 18.74 -3.40 18.58
CA GLU A 798 18.50 -4.18 17.38
C GLU A 798 17.15 -3.83 16.77
N VAL A 799 16.11 -3.74 17.60
CA VAL A 799 14.79 -3.40 17.09
C VAL A 799 14.76 -1.97 16.56
N LEU A 800 15.48 -1.05 17.22
CA LEU A 800 15.56 0.32 16.71
C LEU A 800 16.13 0.36 15.30
N TYR A 801 17.26 -0.30 15.08
CA TYR A 801 17.87 -0.27 13.76
C TYR A 801 17.05 -1.05 12.74
N ASP A 802 16.45 -2.17 13.14
CA ASP A 802 15.61 -2.93 12.22
C ASP A 802 14.47 -2.05 11.70
N SER A 803 13.78 -1.36 12.62
CA SER A 803 12.69 -0.51 12.22
C SER A 803 13.16 0.61 11.31
N LEU A 804 14.21 1.34 11.72
CA LEU A 804 14.62 2.50 10.93
C LEU A 804 15.09 2.08 9.54
N GLN A 805 15.75 0.92 9.43
CA GLN A 805 16.13 0.38 8.13
C GLN A 805 14.92 0.08 7.26
N LEU A 806 13.91 -0.59 7.82
CA LEU A 806 12.73 -0.87 7.01
C LEU A 806 12.05 0.43 6.59
N ALA A 807 11.99 1.41 7.49
CA ALA A 807 11.34 2.67 7.16
C ALA A 807 12.01 3.34 5.96
N HIS A 808 13.34 3.38 5.97
CA HIS A 808 14.04 3.94 4.81
C HIS A 808 13.79 3.14 3.54
N LYS A 809 13.65 1.81 3.65
CA LYS A 809 13.31 1.04 2.46
C LYS A 809 11.96 1.48 1.91
N CYS A 810 10.97 1.60 2.79
CA CYS A 810 9.61 1.91 2.35
C CYS A 810 9.57 3.29 1.69
N ILE A 811 10.17 4.29 2.33
CA ILE A 811 10.15 5.63 1.73
C ILE A 811 10.89 5.63 0.40
N LEU A 812 11.96 4.85 0.28
CA LEU A 812 12.68 4.83 -0.99
C LEU A 812 11.83 4.24 -2.10
N ASN A 813 11.11 3.15 -1.82
CA ASN A 813 10.13 2.65 -2.79
C ASN A 813 9.06 3.69 -3.10
N SER A 814 8.67 4.49 -2.11
CA SER A 814 7.66 5.53 -2.33
C SER A 814 8.14 6.62 -3.28
N PHE A 815 9.44 6.89 -3.31
CA PHE A 815 9.97 7.96 -4.17
C PHE A 815 9.61 7.80 -5.65
N TYR A 816 9.48 6.58 -6.16
CA TYR A 816 8.98 6.43 -7.52
C TYR A 816 7.49 6.73 -7.64
N GLY A 817 6.66 6.14 -6.77
CA GLY A 817 5.22 6.14 -6.99
C GLY A 817 4.57 7.52 -6.93
N TYR A 818 5.21 8.47 -6.26
CA TYR A 818 4.65 9.83 -6.16
C TYR A 818 4.57 10.53 -7.51
N VAL A 819 5.64 10.48 -8.31
CA VAL A 819 5.76 11.43 -9.42
C VAL A 819 4.70 11.25 -10.50
N MET A 820 4.01 10.11 -10.53
CA MET A 820 2.90 9.91 -11.45
C MET A 820 1.54 10.34 -10.88
N ARG A 821 1.44 10.56 -9.57
CA ARG A 821 0.14 10.73 -8.95
C ARG A 821 -0.57 12.01 -9.40
N LYS A 822 -1.87 11.84 -9.68
CA LYS A 822 -2.77 12.96 -9.96
C LYS A 822 -2.63 14.08 -8.95
N GLY A 823 -2.54 15.31 -9.44
CA GLY A 823 -2.55 16.49 -8.60
C GLY A 823 -1.29 16.77 -7.82
N ALA A 824 -0.29 15.89 -7.87
CA ALA A 824 0.93 16.11 -7.12
C ALA A 824 1.61 17.41 -7.55
N ARG A 825 2.34 18.02 -6.62
CA ARG A 825 2.98 19.31 -6.88
C ARG A 825 4.01 19.22 -7.99
N TRP A 826 4.96 18.29 -7.87
CA TRP A 826 5.96 18.06 -8.92
C TRP A 826 5.50 16.84 -9.72
N TYR A 827 4.81 17.13 -10.83
CA TYR A 827 4.22 16.12 -11.69
C TYR A 827 4.74 16.30 -13.11
N SER A 828 5.05 15.19 -13.77
CA SER A 828 5.42 15.23 -15.18
C SER A 828 5.32 13.84 -15.77
N MET A 829 4.46 13.68 -16.78
CA MET A 829 4.26 12.38 -17.40
C MET A 829 5.57 11.74 -17.86
N GLU A 830 6.47 12.55 -18.41
CA GLU A 830 7.73 12.04 -18.93
C GLU A 830 8.57 11.32 -17.89
N MET A 831 8.40 11.63 -16.61
CA MET A 831 9.13 10.89 -15.58
C MET A 831 8.69 9.44 -15.53
N ALA A 832 7.42 9.17 -15.79
CA ALA A 832 7.02 7.78 -15.93
C ALA A 832 7.59 7.19 -17.22
N GLY A 833 7.56 7.95 -18.31
CA GLY A 833 8.00 7.46 -19.59
C GLY A 833 9.42 6.92 -19.64
N ILE A 834 10.39 7.79 -19.38
CA ILE A 834 11.80 7.43 -19.53
C ILE A 834 12.18 6.26 -18.63
N VAL A 835 11.81 6.35 -17.34
CA VAL A 835 12.26 5.33 -16.38
C VAL A 835 11.62 3.98 -16.65
N CYS A 836 10.31 3.94 -16.92
CA CYS A 836 9.66 2.66 -17.16
C CYS A 836 10.15 1.99 -18.44
N PHE A 837 10.19 2.74 -19.54
CA PHE A 837 10.58 2.14 -20.82
C PHE A 837 12.01 1.65 -20.80
N THR A 838 12.94 2.49 -20.36
CA THR A 838 14.33 2.04 -20.31
C THR A 838 14.50 0.90 -19.33
N GLY A 839 13.70 0.89 -18.26
CA GLY A 839 13.74 -0.27 -17.37
C GLY A 839 13.32 -1.54 -18.07
N ALA A 840 12.21 -1.49 -18.81
CA ALA A 840 11.81 -2.69 -19.52
C ALA A 840 12.84 -3.03 -20.58
N ASN A 841 13.50 -2.02 -21.15
CA ASN A 841 14.47 -2.31 -22.19
C ASN A 841 15.58 -3.21 -21.65
N ILE A 842 16.02 -2.96 -20.41
CA ILE A 842 17.06 -3.82 -19.83
C ILE A 842 16.60 -5.27 -19.77
N ILE A 843 15.35 -5.51 -19.38
CA ILE A 843 14.88 -6.89 -19.34
C ILE A 843 14.93 -7.55 -20.72
N THR A 844 14.67 -6.79 -21.77
CA THR A 844 14.76 -7.41 -23.09
C THR A 844 16.18 -7.83 -23.41
N GLN A 845 17.15 -6.99 -23.05
CA GLN A 845 18.53 -7.39 -23.26
C GLN A 845 18.82 -8.69 -22.51
N ALA A 846 18.40 -8.76 -21.25
CA ALA A 846 18.66 -9.98 -20.50
C ALA A 846 17.96 -11.16 -21.14
N ARG A 847 16.72 -10.98 -21.55
CA ARG A 847 16.02 -12.10 -22.17
C ARG A 847 16.73 -12.52 -23.45
N GLU A 848 17.13 -11.55 -24.26
CA GLU A 848 17.80 -11.90 -25.50
C GLU A 848 19.10 -12.61 -25.23
N LEU A 849 19.81 -12.22 -24.17
CA LEU A 849 21.02 -12.96 -23.82
C LEU A 849 20.70 -14.35 -23.28
N ILE A 850 19.77 -14.45 -22.33
CA ILE A 850 19.57 -15.74 -21.68
C ILE A 850 18.97 -16.80 -22.59
N GLU A 851 18.12 -16.40 -23.54
CA GLU A 851 17.41 -17.41 -24.33
C GLU A 851 18.34 -18.23 -25.23
N GLN A 852 19.52 -17.69 -25.57
CA GLN A 852 20.52 -18.49 -26.26
C GLN A 852 21.13 -19.55 -25.34
N ILE A 853 21.39 -19.21 -24.09
CA ILE A 853 21.94 -20.18 -23.15
C ILE A 853 20.91 -21.20 -22.69
N GLY A 854 19.67 -20.77 -22.43
CA GLY A 854 18.68 -21.69 -21.92
C GLY A 854 17.32 -21.03 -21.81
N ARG A 855 16.31 -21.87 -21.66
CA ARG A 855 14.93 -21.41 -21.75
C ARG A 855 14.61 -20.51 -20.56
N PRO A 856 14.11 -19.30 -20.79
CA PRO A 856 13.48 -18.53 -19.70
C PRO A 856 12.07 -19.03 -19.44
N LEU A 857 11.75 -19.26 -18.16
CA LEU A 857 10.43 -19.73 -17.80
C LEU A 857 9.46 -18.58 -17.59
N GLU A 858 9.90 -17.51 -16.95
CA GLU A 858 8.99 -16.51 -16.39
C GLU A 858 9.69 -15.17 -16.39
N LEU A 859 8.93 -14.11 -16.67
CA LEU A 859 9.48 -12.78 -16.96
C LEU A 859 8.73 -11.77 -16.10
N ASP A 860 9.39 -11.29 -15.06
CA ASP A 860 8.77 -10.43 -14.07
C ASP A 860 8.83 -8.97 -14.51
N THR A 861 8.27 -8.09 -13.70
CA THR A 861 8.41 -6.66 -13.93
C THR A 861 9.87 -6.24 -13.82
N ASP A 862 10.65 -6.93 -12.99
CA ASP A 862 12.00 -6.51 -12.63
C ASP A 862 12.95 -7.68 -12.49
N GLY A 863 12.61 -8.83 -13.06
CA GLY A 863 13.45 -10.01 -12.90
C GLY A 863 13.01 -11.12 -13.82
N ILE A 864 13.81 -12.18 -13.82
CA ILE A 864 13.62 -13.33 -14.70
C ILE A 864 13.83 -14.60 -13.88
N TRP A 865 13.04 -15.62 -14.16
CA TRP A 865 13.35 -16.98 -13.70
C TRP A 865 13.87 -17.78 -14.89
N CYS A 866 14.98 -18.50 -14.69
CA CYS A 866 15.52 -19.28 -15.80
C CYS A 866 16.19 -20.55 -15.30
N VAL A 867 16.34 -21.50 -16.23
CA VAL A 867 17.18 -22.68 -16.08
C VAL A 867 18.56 -22.41 -16.65
N LEU A 868 19.57 -23.10 -16.11
CA LEU A 868 20.83 -23.30 -16.81
C LEU A 868 21.22 -24.77 -16.74
N PRO A 869 22.01 -25.26 -17.71
CA PRO A 869 22.46 -26.65 -17.65
C PRO A 869 23.45 -26.86 -16.51
N ASN A 870 23.35 -28.04 -15.89
CA ASN A 870 24.15 -28.33 -14.71
C ASN A 870 25.64 -28.16 -14.95
N SER A 871 26.11 -28.43 -16.17
CA SER A 871 27.53 -28.30 -16.48
C SER A 871 27.98 -26.86 -16.61
N PHE A 872 27.07 -25.90 -16.69
CA PHE A 872 27.46 -24.51 -16.85
C PHE A 872 28.12 -23.98 -15.58
N PRO A 873 29.23 -23.24 -15.70
CA PRO A 873 29.94 -22.75 -14.51
C PRO A 873 29.11 -21.71 -13.78
N GLU A 874 29.04 -21.83 -12.45
CA GLU A 874 28.08 -21.03 -11.71
C GLU A 874 28.68 -20.24 -10.55
N ASN A 875 29.69 -20.76 -9.87
CA ASN A 875 30.14 -20.13 -8.63
C ASN A 875 31.59 -20.50 -8.35
N PHE A 876 32.37 -19.53 -7.91
CA PHE A 876 33.82 -19.69 -7.84
C PHE A 876 34.34 -18.92 -6.63
N VAL A 877 35.54 -19.30 -6.18
CA VAL A 877 36.24 -18.59 -5.12
C VAL A 877 37.61 -18.19 -5.62
N PHE A 878 37.91 -16.90 -5.55
CA PHE A 878 39.26 -16.40 -5.73
C PHE A 878 39.97 -16.32 -4.38
N LYS A 879 41.29 -16.46 -4.42
CA LYS A 879 42.15 -16.36 -3.25
C LYS A 879 43.13 -15.20 -3.42
N THR A 880 43.46 -14.55 -2.31
CA THR A 880 44.19 -13.30 -2.33
C THR A 880 45.11 -13.23 -1.12
N THR A 881 46.03 -12.26 -1.16
CA THR A 881 46.90 -11.95 -0.04
C THR A 881 46.25 -11.07 1.02
N ASN A 882 45.12 -10.44 0.73
CA ASN A 882 44.62 -9.37 1.59
C ASN A 882 44.03 -9.95 2.87
N VAL A 883 44.65 -9.60 4.00
CA VAL A 883 44.22 -10.10 5.30
C VAL A 883 42.83 -9.60 5.66
N LYS A 884 42.36 -8.52 5.05
CA LYS A 884 40.99 -8.09 5.26
C LYS A 884 40.00 -9.10 4.66
N LYS A 885 40.31 -9.65 3.49
CA LYS A 885 39.46 -10.66 2.87
C LYS A 885 40.33 -11.59 2.06
N PRO A 886 40.88 -12.63 2.69
CA PRO A 886 41.82 -13.52 1.96
C PRO A 886 41.21 -14.19 0.75
N LYS A 887 39.96 -14.64 0.83
CA LYS A 887 39.30 -15.31 -0.29
C LYS A 887 37.86 -14.84 -0.42
N VAL A 888 37.39 -14.78 -1.66
CA VAL A 888 36.14 -14.12 -2.00
C VAL A 888 35.37 -14.98 -2.99
N THR A 889 34.05 -15.08 -2.77
CA THR A 889 33.16 -15.88 -3.61
C THR A 889 32.49 -14.97 -4.64
N ILE A 890 32.45 -15.42 -5.89
CA ILE A 890 31.81 -14.67 -6.97
C ILE A 890 31.05 -15.60 -7.91
N SER A 891 29.85 -15.15 -8.30
CA SER A 891 28.90 -15.95 -9.07
C SER A 891 28.92 -15.47 -10.52
N TYR A 892 29.01 -16.40 -11.46
CA TYR A 892 29.40 -16.10 -12.83
C TYR A 892 28.30 -15.43 -13.66
N PRO A 893 27.03 -15.84 -13.51
CA PRO A 893 25.95 -15.08 -14.16
C PRO A 893 25.90 -13.62 -13.73
N GLY A 894 26.24 -13.33 -12.48
CA GLY A 894 26.25 -11.95 -12.05
C GLY A 894 27.28 -11.15 -12.81
N ALA A 895 28.49 -11.70 -12.93
CA ALA A 895 29.55 -11.01 -13.66
C ALA A 895 29.10 -10.75 -15.10
N MET A 896 28.54 -11.78 -15.74
CA MET A 896 28.09 -11.63 -17.13
C MET A 896 27.08 -10.49 -17.29
N LEU A 897 26.03 -10.48 -16.46
CA LEU A 897 25.03 -9.43 -16.60
C LEU A 897 25.58 -8.04 -16.24
N ASN A 898 26.33 -7.95 -15.14
CA ASN A 898 26.89 -6.69 -14.69
C ASN A 898 28.01 -6.17 -15.56
N ILE A 899 28.52 -6.95 -16.49
CA ILE A 899 29.31 -6.37 -17.58
C ILE A 899 28.45 -6.03 -18.79
N MET A 900 27.48 -6.89 -19.15
CA MET A 900 26.69 -6.62 -20.35
C MET A 900 25.95 -5.29 -20.26
N VAL A 901 25.38 -4.99 -19.10
CA VAL A 901 24.67 -3.72 -18.92
C VAL A 901 25.61 -2.52 -19.02
N LYS A 902 26.89 -2.72 -18.66
CA LYS A 902 27.84 -1.61 -18.57
C LYS A 902 28.12 -0.98 -19.94
N GLU A 903 28.16 -1.79 -21.00
CA GLU A 903 28.61 -1.24 -22.28
C GLU A 903 27.57 -0.32 -22.88
N GLY A 904 26.31 -0.73 -22.89
CA GLY A 904 25.25 0.10 -23.41
C GLY A 904 24.77 1.22 -22.51
N PHE A 905 24.41 0.89 -21.28
CA PHE A 905 23.70 1.84 -20.42
C PHE A 905 24.57 2.96 -19.83
N THR A 906 25.86 2.72 -19.60
CA THR A 906 26.69 3.71 -18.92
C THR A 906 26.50 5.10 -19.54
N ASN A 907 26.59 6.12 -18.68
CA ASN A 907 26.30 7.51 -19.01
C ASN A 907 27.59 8.31 -19.11
N ASP A 908 27.84 8.90 -20.28
CA ASP A 908 29.02 9.70 -20.58
C ASP A 908 28.87 11.19 -20.25
N GLN A 909 27.73 11.63 -19.73
CA GLN A 909 27.37 13.04 -19.77
C GLN A 909 27.03 13.65 -18.41
N TYR A 910 27.32 12.97 -17.31
CA TYR A 910 27.10 13.58 -15.99
C TYR A 910 27.90 14.87 -15.86
N GLN A 911 27.24 15.90 -15.29
CA GLN A 911 27.88 17.17 -15.01
C GLN A 911 27.55 17.64 -13.60
N GLU A 912 28.43 18.45 -13.04
CA GLU A 912 28.31 18.93 -11.67
C GLU A 912 29.02 20.27 -11.55
N LEU A 913 28.50 21.13 -10.68
CA LEU A 913 29.05 22.48 -10.57
C LEU A 913 30.26 22.48 -9.65
N ALA A 914 31.28 23.25 -10.03
CA ALA A 914 32.53 23.32 -9.29
C ALA A 914 32.57 24.45 -8.28
N GLU A 915 32.10 25.63 -8.66
CA GLU A 915 32.16 26.81 -7.80
C GLU A 915 31.09 27.81 -8.22
N PRO A 916 30.09 28.09 -7.36
CA PRO A 916 28.94 28.89 -7.80
C PRO A 916 29.31 30.19 -8.51
N SER A 917 30.37 30.88 -8.07
CA SER A 917 30.76 32.13 -8.71
C SER A 917 31.56 31.92 -9.98
N SER A 918 32.12 30.73 -10.20
CA SER A 918 32.94 30.49 -11.39
C SER A 918 32.11 30.02 -12.57
N LEU A 919 31.03 29.29 -12.30
CA LEU A 919 30.31 28.54 -13.33
C LEU A 919 31.25 27.64 -14.14
N THR A 920 32.31 27.16 -13.51
CA THR A 920 33.07 26.04 -14.05
C THR A 920 32.42 24.72 -13.63
N TYR A 921 32.37 23.77 -14.55
CA TYR A 921 31.63 22.53 -14.33
C TYR A 921 32.47 21.31 -14.71
N VAL A 922 32.38 20.28 -13.86
CA VAL A 922 33.05 19.02 -14.11
C VAL A 922 32.27 18.20 -15.15
N THR A 923 32.97 17.28 -15.80
CA THR A 923 32.34 16.19 -16.54
C THR A 923 32.69 14.86 -15.91
N ARG A 924 31.70 13.97 -15.82
CA ARG A 924 31.87 12.72 -15.10
C ARG A 924 30.93 11.67 -15.69
N SER A 925 31.20 10.41 -15.36
CA SER A 925 30.35 9.29 -15.70
C SER A 925 30.04 8.44 -14.47
N GLU A 926 28.81 7.93 -14.39
CA GLU A 926 28.37 7.17 -13.24
C GLU A 926 27.36 6.12 -13.69
N ASN A 927 27.28 5.03 -12.93
CA ASN A 927 26.40 3.91 -13.23
C ASN A 927 26.07 3.18 -11.94
N SER A 928 24.81 2.72 -11.80
CA SER A 928 24.43 2.00 -10.60
C SER A 928 23.36 0.93 -10.79
N ILE A 929 23.13 0.44 -12.00
CA ILE A 929 22.34 -0.78 -12.20
C ILE A 929 23.20 -2.00 -11.92
N PHE A 930 22.71 -2.89 -11.05
CA PHE A 930 23.35 -4.18 -10.81
C PHE A 930 22.31 -5.29 -10.70
N PHE A 931 22.61 -6.41 -11.34
CA PHE A 931 21.82 -7.64 -11.18
C PHE A 931 22.27 -8.43 -9.95
N GLU A 932 21.32 -9.17 -9.37
CA GLU A 932 21.57 -10.02 -8.22
C GLU A 932 20.94 -11.39 -8.43
N VAL A 933 21.55 -12.41 -7.82
CA VAL A 933 21.29 -13.81 -8.13
C VAL A 933 20.72 -14.49 -6.89
N ASP A 934 19.56 -15.13 -7.04
CA ASP A 934 19.00 -16.00 -6.01
C ASP A 934 18.90 -17.43 -6.54
N GLY A 935 19.40 -18.39 -5.76
CA GLY A 935 19.18 -19.79 -6.06
C GLY A 935 20.24 -20.67 -5.44
N PRO A 936 20.17 -21.99 -5.68
CA PRO A 936 19.12 -22.74 -6.40
C PRO A 936 17.80 -22.88 -5.64
N TYR A 937 16.83 -23.55 -6.26
CA TYR A 937 15.62 -24.00 -5.59
C TYR A 937 15.33 -25.43 -6.00
N LEU A 938 14.62 -26.15 -5.13
CA LEU A 938 14.45 -27.59 -5.32
C LEU A 938 13.56 -27.89 -6.51
N ALA A 939 12.41 -27.22 -6.59
CA ALA A 939 11.36 -27.60 -7.54
C ALA A 939 10.52 -26.37 -7.83
N MET A 940 9.86 -26.41 -8.99
CA MET A 940 8.97 -25.33 -9.39
C MET A 940 7.79 -25.89 -10.18
N ILE A 941 6.64 -25.24 -9.98
CA ILE A 941 5.37 -25.61 -10.62
C ILE A 941 4.77 -24.34 -11.20
N LEU A 942 4.28 -24.42 -12.43
CA LEU A 942 3.73 -23.25 -13.12
C LEU A 942 2.54 -23.65 -13.99
N PRO A 943 1.31 -23.43 -13.52
CA PRO A 943 0.13 -23.92 -14.24
C PRO A 943 -0.17 -23.06 -15.46
N ALA A 944 -1.10 -23.54 -16.28
CA ALA A 944 -1.52 -22.84 -17.48
C ALA A 944 -3.04 -22.79 -17.57
N SER A 945 -3.54 -21.70 -18.13
CA SER A 945 -4.98 -21.50 -18.28
C SER A 945 -5.58 -22.38 -19.38
N LYS A 946 -6.87 -22.68 -19.21
CA LYS A 946 -7.55 -23.67 -20.03
C LYS A 946 -7.71 -23.23 -21.48
N GLU A 947 -7.82 -21.92 -21.73
CA GLU A 947 -8.12 -21.44 -23.06
C GLU A 947 -6.95 -21.62 -24.02
N GLU A 948 -7.27 -21.50 -25.31
CA GLU A 948 -6.28 -21.52 -26.39
C GLU A 948 -5.38 -20.29 -26.31
N GLY A 949 -4.12 -20.48 -25.93
CA GLY A 949 -3.12 -19.47 -26.12
C GLY A 949 -3.30 -18.21 -25.31
N LYS A 950 -4.02 -18.30 -24.20
CA LYS A 950 -4.37 -17.10 -23.44
C LYS A 950 -3.12 -16.48 -22.83
N LYS A 951 -3.17 -15.16 -22.66
CA LYS A 951 -2.20 -14.48 -21.80
C LYS A 951 -2.54 -14.77 -20.34
N LEU A 952 -1.72 -14.22 -19.44
CA LEU A 952 -1.77 -14.65 -18.05
C LEU A 952 -1.49 -13.46 -17.13
N LYS A 953 -1.60 -13.73 -15.83
CA LYS A 953 -1.01 -12.93 -14.77
C LYS A 953 -0.27 -13.87 -13.84
N LYS A 954 0.58 -13.30 -13.00
CA LYS A 954 1.58 -14.09 -12.29
C LYS A 954 0.90 -15.20 -11.49
N ARG A 955 1.31 -16.44 -11.78
CA ARG A 955 0.85 -17.63 -11.09
C ARG A 955 1.99 -18.63 -11.06
N TYR A 956 2.49 -18.97 -9.88
CA TYR A 956 3.54 -19.97 -9.81
C TYR A 956 3.78 -20.37 -8.36
N ALA A 957 4.55 -21.45 -8.20
CA ALA A 957 5.04 -21.85 -6.88
C ALA A 957 6.45 -22.39 -7.02
N VAL A 958 7.18 -22.37 -5.90
CA VAL A 958 8.54 -22.90 -5.85
C VAL A 958 8.82 -23.41 -4.45
N PHE A 959 9.74 -24.37 -4.35
CA PHE A 959 9.98 -25.08 -3.10
C PHE A 959 11.45 -25.01 -2.71
N ASN A 960 11.71 -24.83 -1.41
CA ASN A 960 13.05 -24.91 -0.88
C ASN A 960 13.46 -26.37 -0.63
N GLU A 961 14.77 -26.60 -0.64
CA GLU A 961 15.33 -27.90 -0.30
C GLU A 961 14.90 -28.42 1.06
N ASP A 962 14.49 -27.54 1.98
CA ASP A 962 13.97 -27.99 3.27
C ASP A 962 12.51 -28.41 3.24
N GLY A 963 11.84 -28.32 2.10
CA GLY A 963 10.44 -28.70 1.99
C GLY A 963 9.46 -27.59 2.27
N SER A 964 9.93 -26.40 2.62
CA SER A 964 9.04 -25.25 2.80
C SER A 964 8.50 -24.80 1.45
N LEU A 965 7.24 -24.37 1.45
CA LEU A 965 6.71 -23.70 0.27
C LEU A 965 7.29 -22.29 0.21
N ALA A 966 8.41 -22.15 -0.51
CA ALA A 966 9.31 -21.02 -0.29
C ALA A 966 8.75 -19.73 -0.89
N GLU A 967 8.12 -19.81 -2.05
CA GLU A 967 7.34 -18.71 -2.56
C GLU A 967 6.18 -19.25 -3.40
N LEU A 968 5.07 -18.51 -3.37
CA LEU A 968 3.93 -18.76 -4.24
C LEU A 968 3.34 -17.42 -4.64
N LYS A 969 2.69 -17.39 -5.80
CA LYS A 969 1.95 -16.22 -6.20
C LYS A 969 0.82 -16.61 -7.13
N GLY A 970 -0.22 -15.77 -7.16
CA GLY A 970 -1.36 -15.98 -8.02
C GLY A 970 -2.44 -16.89 -7.45
N PHE A 971 -2.08 -17.79 -6.54
CA PHE A 971 -3.08 -18.53 -5.77
C PHE A 971 -3.64 -17.62 -4.68
N GLU A 972 -4.53 -16.73 -5.10
CA GLU A 972 -5.15 -15.78 -4.19
C GLU A 972 -5.90 -16.51 -3.09
N VAL A 973 -6.01 -15.86 -1.93
CA VAL A 973 -7.12 -16.14 -1.03
C VAL A 973 -8.38 -15.54 -1.61
N LYS A 974 -9.45 -16.32 -1.65
CA LYS A 974 -10.51 -16.09 -2.63
C LYS A 974 -11.37 -14.91 -2.20
N ARG A 975 -11.44 -13.90 -3.06
CA ARG A 975 -12.49 -12.90 -2.97
C ARG A 975 -13.86 -13.55 -3.04
N ARG A 976 -14.84 -12.90 -2.42
CA ARG A 976 -16.26 -13.27 -2.51
C ARG A 976 -16.55 -14.68 -1.99
N GLY A 977 -15.61 -15.31 -1.29
CA GLY A 977 -15.81 -16.63 -0.75
C GLY A 977 -15.62 -17.73 -1.78
N GLU A 978 -15.35 -18.93 -1.25
CA GLU A 978 -15.03 -20.09 -2.08
C GLU A 978 -15.43 -21.37 -1.36
N LEU A 979 -15.72 -22.40 -2.15
CA LEU A 979 -16.04 -23.71 -1.59
C LEU A 979 -14.86 -24.25 -0.80
N GLN A 980 -15.17 -25.04 0.23
CA GLN A 980 -14.13 -25.66 1.05
C GLN A 980 -13.44 -26.80 0.29
N LEU A 981 -14.22 -27.62 -0.40
CA LEU A 981 -13.67 -28.82 -1.03
C LEU A 981 -12.50 -28.48 -1.95
N ILE A 982 -12.70 -27.50 -2.83
CA ILE A 982 -11.63 -27.11 -3.74
C ILE A 982 -10.43 -26.60 -2.96
N LYS A 983 -10.67 -25.94 -1.82
CA LYS A 983 -9.58 -25.43 -0.99
C LYS A 983 -8.70 -26.59 -0.51
N ILE A 984 -9.36 -27.62 0.04
CA ILE A 984 -8.60 -28.79 0.51
C ILE A 984 -7.89 -29.44 -0.66
N PHE A 985 -8.55 -29.53 -1.82
CA PHE A 985 -7.90 -30.15 -2.97
C PHE A 985 -6.63 -29.40 -3.35
N GLN A 986 -6.71 -28.08 -3.40
CA GLN A 986 -5.57 -27.26 -3.79
C GLN A 986 -4.41 -27.46 -2.83
N SER A 987 -4.67 -27.36 -1.53
CA SER A 987 -3.57 -27.55 -0.58
C SER A 987 -3.06 -28.99 -0.54
N SER A 988 -3.94 -29.97 -0.75
CA SER A 988 -3.52 -31.37 -0.80
C SER A 988 -2.57 -31.68 -1.96
N VAL A 989 -2.93 -31.26 -3.19
CA VAL A 989 -2.19 -31.74 -4.36
C VAL A 989 -0.73 -31.32 -4.35
N PHE A 990 -0.42 -30.12 -3.86
CA PHE A 990 0.98 -29.71 -3.78
C PHE A 990 1.81 -30.68 -2.95
N GLU A 991 1.20 -31.33 -1.97
CA GLU A 991 1.87 -32.37 -1.19
C GLU A 991 2.37 -33.53 -2.06
N ALA A 992 1.67 -33.85 -3.16
CA ALA A 992 2.06 -34.99 -3.98
C ALA A 992 3.38 -34.79 -4.72
N PHE A 993 3.63 -33.58 -5.24
CA PHE A 993 4.69 -33.37 -6.23
C PHE A 993 6.08 -33.77 -5.73
N LEU A 994 6.35 -33.69 -4.44
CA LEU A 994 7.64 -34.12 -3.93
C LEU A 994 7.98 -35.58 -4.29
N LYS A 995 6.98 -36.45 -4.43
CA LYS A 995 7.24 -37.84 -4.77
C LYS A 995 7.25 -38.09 -6.27
N GLY A 996 8.04 -39.09 -6.67
CA GLY A 996 8.11 -39.57 -8.03
C GLY A 996 9.51 -39.58 -8.61
N SER A 997 9.80 -40.61 -9.41
CA SER A 997 11.13 -40.79 -9.98
C SER A 997 11.35 -39.89 -11.21
N THR A 998 10.50 -40.03 -12.21
CA THR A 998 10.57 -39.20 -13.41
C THR A 998 9.16 -38.89 -13.89
N LEU A 999 9.07 -38.15 -14.99
CA LEU A 999 7.84 -37.51 -15.41
C LEU A 999 6.60 -38.37 -15.18
N GLU A 1000 6.63 -39.62 -15.63
CA GLU A 1000 5.49 -40.50 -15.46
C GLU A 1000 5.15 -40.71 -13.98
N GLU A 1001 6.17 -40.98 -13.17
CA GLU A 1001 5.93 -41.31 -11.76
C GLU A 1001 5.46 -40.11 -10.94
N VAL A 1002 5.87 -38.90 -11.29
CA VAL A 1002 5.29 -37.71 -10.64
C VAL A 1002 3.77 -37.72 -10.79
N TYR A 1003 3.27 -37.91 -12.01
CA TYR A 1003 1.82 -38.03 -12.18
C TYR A 1003 1.26 -39.30 -11.54
N GLY A 1004 2.02 -40.39 -11.53
CA GLY A 1004 1.61 -41.57 -10.77
C GLY A 1004 1.36 -41.30 -9.30
N SER A 1005 2.09 -40.34 -8.73
CA SER A 1005 1.78 -39.82 -7.40
C SER A 1005 0.55 -38.91 -7.42
N VAL A 1006 0.50 -37.96 -8.35
CA VAL A 1006 -0.61 -37.00 -8.39
C VAL A 1006 -1.94 -37.73 -8.48
N ALA A 1007 -2.09 -38.62 -9.46
CA ALA A 1007 -3.39 -39.20 -9.78
C ALA A 1007 -3.97 -39.99 -8.60
N LYS A 1008 -3.14 -40.74 -7.90
CA LYS A 1008 -3.59 -41.52 -6.75
C LYS A 1008 -3.91 -40.67 -5.52
N VAL A 1009 -3.86 -39.35 -5.61
CA VAL A 1009 -4.51 -38.47 -4.65
C VAL A 1009 -5.68 -37.72 -5.29
N ALA A 1010 -5.49 -37.20 -6.49
CA ALA A 1010 -6.54 -36.45 -7.17
C ALA A 1010 -7.79 -37.29 -7.42
N ASP A 1011 -7.63 -38.60 -7.63
CA ASP A 1011 -8.78 -39.49 -7.77
C ASP A 1011 -9.63 -39.53 -6.50
N TYR A 1012 -9.03 -39.27 -5.34
CA TYR A 1012 -9.73 -39.54 -4.09
C TYR A 1012 -11.02 -38.72 -3.96
N TRP A 1013 -11.01 -37.47 -4.41
CA TRP A 1013 -12.22 -36.66 -4.37
C TRP A 1013 -13.21 -37.01 -5.46
N LEU A 1014 -12.73 -37.25 -6.68
CA LEU A 1014 -13.64 -37.54 -7.78
C LEU A 1014 -14.31 -38.90 -7.62
N ASP A 1015 -13.69 -39.83 -6.90
CA ASP A 1015 -14.39 -41.01 -6.44
C ASP A 1015 -15.50 -40.66 -5.45
N VAL A 1016 -15.17 -39.83 -4.45
CA VAL A 1016 -16.12 -39.48 -3.39
C VAL A 1016 -17.38 -38.85 -3.96
N LEU A 1017 -17.25 -37.99 -4.97
CA LEU A 1017 -18.43 -37.36 -5.55
C LEU A 1017 -19.30 -38.34 -6.33
N TYR A 1018 -18.72 -39.30 -7.04
CA TYR A 1018 -19.54 -40.30 -7.72
C TYR A 1018 -20.18 -41.26 -6.73
N SER A 1019 -19.44 -41.65 -5.69
CA SER A 1019 -19.95 -42.60 -4.70
C SER A 1019 -20.99 -41.96 -3.79
N LYS A 1020 -20.85 -40.67 -3.49
CA LYS A 1020 -21.53 -40.02 -2.36
C LYS A 1020 -21.11 -40.59 -1.01
N ALA A 1021 -20.17 -41.52 -1.01
CA ALA A 1021 -19.43 -41.91 0.19
C ALA A 1021 -20.36 -42.09 1.39
N ALA A 1022 -21.41 -42.89 1.21
CA ALA A 1022 -22.53 -42.88 2.13
C ALA A 1022 -22.10 -43.14 3.56
N ASN A 1023 -20.95 -43.78 3.76
CA ASN A 1023 -20.42 -44.03 5.09
C ASN A 1023 -20.12 -42.73 5.83
N MET A 1024 -19.93 -41.63 5.12
CA MET A 1024 -19.50 -40.39 5.75
C MET A 1024 -20.62 -39.81 6.61
N PRO A 1025 -20.34 -39.38 7.84
CA PRO A 1025 -21.37 -38.70 8.64
C PRO A 1025 -21.99 -37.52 7.90
N ASP A 1026 -23.30 -37.33 8.12
CA ASP A 1026 -24.10 -36.52 7.23
C ASP A 1026 -23.83 -35.03 7.38
N SER A 1027 -23.51 -34.57 8.59
CA SER A 1027 -23.24 -33.14 8.78
C SER A 1027 -21.99 -32.70 8.02
N GLU A 1028 -21.04 -33.61 7.80
CA GLU A 1028 -19.75 -33.19 7.25
C GLU A 1028 -19.92 -32.74 5.81
N LEU A 1029 -20.89 -33.31 5.09
CA LEU A 1029 -21.14 -32.88 3.73
C LEU A 1029 -21.51 -31.40 3.70
N PHE A 1030 -22.32 -30.96 4.65
CA PHE A 1030 -22.63 -29.53 4.73
C PHE A 1030 -21.36 -28.75 5.01
N GLU A 1031 -20.53 -29.27 5.93
CA GLU A 1031 -19.25 -28.63 6.19
C GLU A 1031 -18.38 -28.65 4.95
N LEU A 1032 -18.46 -29.74 4.18
CA LEU A 1032 -17.64 -29.90 2.98
C LEU A 1032 -18.17 -29.15 1.77
N ILE A 1033 -19.49 -29.02 1.62
CA ILE A 1033 -20.08 -28.24 0.54
C ILE A 1033 -21.10 -27.26 1.09
N SER A 1034 -20.76 -25.97 1.05
CA SER A 1034 -21.68 -24.88 1.34
C SER A 1034 -21.03 -23.61 0.79
N GLU A 1035 -21.83 -22.54 0.69
CA GLU A 1035 -21.29 -21.21 0.42
C GLU A 1035 -21.88 -20.17 1.37
N ASN A 1036 -21.04 -19.19 1.73
CA ASN A 1036 -21.33 -18.23 2.79
C ASN A 1036 -21.40 -16.81 2.24
N ARG A 1037 -21.70 -16.65 0.97
CA ARG A 1037 -21.72 -15.34 0.33
C ARG A 1037 -22.72 -14.41 1.00
N SER A 1038 -22.24 -13.25 1.44
CA SER A 1038 -22.98 -12.32 2.28
C SER A 1038 -23.08 -10.97 1.59
N MET A 1039 -24.17 -10.25 1.84
CA MET A 1039 -24.53 -9.09 1.04
C MET A 1039 -24.91 -7.91 1.94
N SER A 1040 -24.73 -6.70 1.40
CA SER A 1040 -24.68 -5.48 2.19
C SER A 1040 -25.90 -4.58 2.07
N ARG A 1041 -26.54 -4.53 0.89
CA ARG A 1041 -27.76 -3.74 0.74
C ARG A 1041 -28.93 -4.37 1.50
N LYS A 1042 -30.10 -3.76 1.35
CA LYS A 1042 -31.36 -4.32 1.80
C LYS A 1042 -32.25 -4.59 0.59
N LEU A 1043 -33.13 -5.58 0.74
CA LEU A 1043 -33.80 -6.21 -0.39
C LEU A 1043 -34.35 -5.20 -1.40
N GLU A 1044 -34.98 -4.12 -0.93
CA GLU A 1044 -35.58 -3.20 -1.88
C GLU A 1044 -34.53 -2.38 -2.62
N ASP A 1045 -33.30 -2.36 -2.10
CA ASP A 1045 -32.25 -1.66 -2.81
C ASP A 1045 -31.97 -2.33 -4.15
N TYR A 1046 -32.27 -3.63 -4.24
CA TYR A 1046 -31.96 -4.40 -5.44
C TYR A 1046 -32.94 -4.14 -6.59
N GLY A 1047 -34.10 -3.57 -6.32
CA GLY A 1047 -35.04 -3.32 -7.39
C GLY A 1047 -35.59 -4.58 -8.04
N GLU A 1048 -36.12 -4.39 -9.25
CA GLU A 1048 -36.55 -5.50 -10.10
C GLU A 1048 -35.33 -6.21 -10.70
N GLN A 1049 -34.73 -7.08 -9.89
CA GLN A 1049 -33.51 -7.78 -10.24
C GLN A 1049 -33.60 -9.18 -9.65
N LYS A 1050 -32.81 -10.10 -10.19
CA LYS A 1050 -32.72 -11.43 -9.60
C LYS A 1050 -31.28 -11.92 -9.61
N SER A 1051 -30.90 -12.60 -8.54
CA SER A 1051 -29.56 -13.13 -8.38
C SER A 1051 -29.60 -14.22 -7.32
N THR A 1052 -28.54 -15.02 -7.26
CA THR A 1052 -28.45 -16.06 -6.24
C THR A 1052 -28.69 -15.48 -4.85
N SER A 1053 -28.06 -14.33 -4.57
CA SER A 1053 -28.31 -13.64 -3.31
C SER A 1053 -29.75 -13.14 -3.24
N ILE A 1054 -30.21 -12.45 -4.27
CA ILE A 1054 -31.55 -11.86 -4.24
C ILE A 1054 -32.61 -12.95 -4.10
N SER A 1055 -32.48 -14.01 -4.90
CA SER A 1055 -33.42 -15.11 -4.82
C SER A 1055 -33.37 -15.81 -3.47
N THR A 1056 -32.18 -15.94 -2.88
CA THR A 1056 -32.09 -16.45 -1.50
C THR A 1056 -32.85 -15.54 -0.55
N ALA A 1057 -32.63 -14.22 -0.67
CA ALA A 1057 -33.29 -13.27 0.21
C ALA A 1057 -34.81 -13.40 0.12
N LYS A 1058 -35.31 -13.55 -1.10
CA LYS A 1058 -36.74 -13.80 -1.28
C LYS A 1058 -37.16 -15.10 -0.58
N ARG A 1059 -36.55 -16.22 -0.96
CA ARG A 1059 -37.07 -17.51 -0.50
C ARG A 1059 -36.97 -17.65 1.00
N LEU A 1060 -35.94 -17.08 1.62
CA LEU A 1060 -35.74 -17.27 3.05
C LEU A 1060 -36.92 -16.70 3.84
N ALA A 1061 -37.46 -15.55 3.42
CA ALA A 1061 -38.32 -14.75 4.28
C ALA A 1061 -39.49 -15.58 4.82
N GLU A 1062 -40.08 -16.43 3.99
CA GLU A 1062 -41.26 -17.19 4.39
C GLU A 1062 -40.96 -18.20 5.48
N PHE A 1063 -39.70 -18.38 5.87
CA PHE A 1063 -39.41 -19.15 7.07
C PHE A 1063 -39.84 -18.41 8.33
N LEU A 1064 -39.62 -17.09 8.39
CA LEU A 1064 -39.81 -16.35 9.63
C LEU A 1064 -40.47 -15.00 9.49
N GLY A 1065 -40.64 -14.46 8.28
CA GLY A 1065 -41.39 -13.24 8.08
C GLY A 1065 -40.56 -12.12 7.49
N ASP A 1066 -41.16 -10.93 7.48
CA ASP A 1066 -40.59 -9.75 6.85
C ASP A 1066 -39.44 -9.14 7.65
N GLN A 1067 -39.21 -9.57 8.89
CA GLN A 1067 -38.18 -8.95 9.71
C GLN A 1067 -36.83 -8.95 9.00
N MET A 1068 -36.45 -10.09 8.41
CA MET A 1068 -35.13 -10.19 7.80
C MET A 1068 -34.96 -9.28 6.60
N VAL A 1069 -36.03 -9.06 5.82
CA VAL A 1069 -36.00 -8.00 4.82
C VAL A 1069 -36.14 -6.63 5.48
N LYS A 1070 -36.85 -6.56 6.60
CA LYS A 1070 -37.22 -5.27 7.18
C LYS A 1070 -36.00 -4.45 7.58
N ASP A 1071 -34.90 -5.09 7.99
CA ASP A 1071 -33.69 -4.39 8.36
C ASP A 1071 -32.50 -4.86 7.54
N ALA A 1072 -31.47 -4.01 7.50
CA ALA A 1072 -30.51 -3.97 6.42
C ALA A 1072 -29.44 -5.05 6.57
N GLY A 1073 -28.92 -5.49 5.42
CA GLY A 1073 -27.95 -6.57 5.37
C GLY A 1073 -28.56 -7.94 5.54
N LEU A 1074 -27.91 -8.95 4.97
CA LEU A 1074 -28.40 -10.32 5.03
C LEU A 1074 -27.22 -11.28 4.98
N SER A 1075 -27.32 -12.37 5.72
CA SER A 1075 -26.29 -13.41 5.73
C SER A 1075 -26.96 -14.77 5.73
N CYS A 1076 -26.42 -15.69 4.95
CA CYS A 1076 -27.13 -16.92 4.62
C CYS A 1076 -26.13 -17.96 4.12
N ARG A 1077 -26.62 -19.20 4.06
CA ARG A 1077 -25.90 -20.31 3.45
C ARG A 1077 -26.89 -21.09 2.59
N TYR A 1078 -26.41 -21.61 1.46
CA TYR A 1078 -27.33 -22.12 0.45
C TYR A 1078 -26.70 -23.23 -0.37
N ILE A 1079 -27.57 -23.99 -1.04
CA ILE A 1079 -27.18 -25.11 -1.89
C ILE A 1079 -28.04 -25.08 -3.15
N ILE A 1080 -27.60 -25.81 -4.18
CA ILE A 1080 -28.24 -25.75 -5.49
C ILE A 1080 -29.22 -26.92 -5.62
N SER A 1081 -30.47 -26.60 -5.94
CA SER A 1081 -31.51 -27.57 -6.22
C SER A 1081 -31.49 -27.99 -7.69
N ARG A 1082 -32.05 -29.16 -7.96
CA ARG A 1082 -31.92 -29.83 -9.25
C ARG A 1082 -33.23 -29.94 -10.02
N LYS A 1083 -34.28 -30.43 -9.37
CA LYS A 1083 -35.47 -30.90 -10.10
C LYS A 1083 -36.03 -29.89 -11.09
N PRO A 1084 -36.11 -28.59 -10.80
CA PRO A 1084 -36.49 -27.64 -11.85
C PRO A 1084 -35.38 -27.43 -12.86
N GLU A 1085 -35.12 -28.47 -13.64
CA GLU A 1085 -34.00 -28.47 -14.57
C GLU A 1085 -34.15 -27.37 -15.62
N GLY A 1086 -33.02 -26.79 -16.01
CA GLY A 1086 -32.96 -25.84 -17.09
C GLY A 1086 -33.29 -24.41 -16.73
N SER A 1087 -33.93 -24.17 -15.59
CA SER A 1087 -33.94 -22.82 -15.03
C SER A 1087 -32.58 -22.52 -14.42
N PRO A 1088 -31.99 -21.35 -14.69
CA PRO A 1088 -30.58 -21.16 -14.37
C PRO A 1088 -30.35 -21.15 -12.86
N VAL A 1089 -29.09 -21.42 -12.49
CA VAL A 1089 -28.76 -21.68 -11.09
C VAL A 1089 -29.21 -20.52 -10.21
N THR A 1090 -29.17 -19.30 -10.73
CA THR A 1090 -29.66 -18.13 -10.01
C THR A 1090 -31.06 -18.32 -9.45
N GLU A 1091 -31.87 -19.20 -10.05
CA GLU A 1091 -33.21 -19.47 -9.54
C GLU A 1091 -33.30 -20.71 -8.65
N ARG A 1092 -32.31 -21.60 -8.71
CA ARG A 1092 -32.43 -22.90 -8.07
C ARG A 1092 -31.85 -22.96 -6.67
N ALA A 1093 -31.16 -21.92 -6.21
CA ALA A 1093 -30.57 -21.94 -4.87
C ALA A 1093 -31.66 -22.03 -3.81
N ILE A 1094 -31.40 -22.82 -2.76
CA ILE A 1094 -32.26 -22.89 -1.59
C ILE A 1094 -31.44 -22.70 -0.32
N PRO A 1095 -31.96 -22.01 0.68
CA PRO A 1095 -31.18 -21.73 1.90
C PRO A 1095 -31.09 -22.94 2.82
N LEU A 1096 -29.89 -23.17 3.35
CA LEU A 1096 -29.63 -24.30 4.22
C LEU A 1096 -30.60 -24.37 5.40
N ALA A 1097 -31.07 -23.20 5.86
CA ALA A 1097 -31.90 -23.16 7.06
C ALA A 1097 -33.11 -24.08 6.93
N ILE A 1098 -33.59 -24.29 5.70
CA ILE A 1098 -34.83 -25.03 5.52
C ILE A 1098 -34.70 -26.43 6.09
N PHE A 1099 -33.51 -27.02 6.05
CA PHE A 1099 -33.37 -28.40 6.52
C PHE A 1099 -33.67 -28.49 8.00
N GLN A 1100 -33.30 -27.47 8.78
CA GLN A 1100 -33.48 -27.48 10.23
C GLN A 1100 -34.93 -27.25 10.65
N ALA A 1101 -35.77 -26.70 9.78
CA ALA A 1101 -37.10 -26.28 10.19
C ALA A 1101 -37.96 -27.49 10.58
N GLU A 1102 -39.11 -27.17 11.16
CA GLU A 1102 -40.04 -28.19 11.65
C GLU A 1102 -40.52 -29.09 10.51
N PRO A 1103 -40.59 -30.41 10.74
CA PRO A 1103 -40.92 -31.34 9.64
C PRO A 1103 -42.10 -31.00 8.74
N THR A 1104 -43.26 -30.63 9.28
CA THR A 1104 -44.41 -30.34 8.43
C THR A 1104 -44.21 -29.08 7.60
N VAL A 1105 -43.61 -28.05 8.20
CA VAL A 1105 -43.28 -26.84 7.45
C VAL A 1105 -42.22 -27.13 6.40
N ARG A 1106 -41.23 -27.95 6.75
CA ARG A 1106 -40.24 -28.39 5.78
C ARG A 1106 -40.87 -29.12 4.61
N LYS A 1107 -41.79 -30.05 4.89
CA LYS A 1107 -42.56 -30.69 3.84
C LYS A 1107 -43.28 -29.66 2.97
N HIS A 1108 -43.97 -28.72 3.60
CA HIS A 1108 -44.77 -27.76 2.85
C HIS A 1108 -43.90 -26.96 1.89
N PHE A 1109 -42.81 -26.38 2.41
CA PHE A 1109 -41.99 -25.54 1.56
C PHE A 1109 -41.23 -26.34 0.52
N LEU A 1110 -40.78 -27.56 0.85
CA LEU A 1110 -40.13 -28.38 -0.16
C LEU A 1110 -41.10 -28.72 -1.29
N ARG A 1111 -42.36 -29.02 -0.96
CA ARG A 1111 -43.38 -29.24 -1.97
C ARG A 1111 -43.75 -27.98 -2.74
N LYS A 1112 -43.48 -26.80 -2.18
CA LYS A 1112 -43.74 -25.56 -2.90
C LYS A 1112 -42.60 -25.21 -3.85
N TRP A 1113 -41.38 -25.14 -3.33
CA TRP A 1113 -40.29 -24.41 -3.97
C TRP A 1113 -39.82 -25.06 -5.26
N LEU A 1114 -40.07 -26.37 -5.44
CA LEU A 1114 -39.64 -27.05 -6.66
C LEU A 1114 -40.69 -27.03 -7.76
N LYS A 1115 -41.95 -26.78 -7.43
CA LYS A 1115 -43.08 -27.26 -8.22
C LYS A 1115 -42.97 -28.78 -8.41
N SER A 1116 -43.03 -29.49 -7.29
CA SER A 1116 -42.97 -30.95 -7.28
C SER A 1116 -44.29 -31.48 -6.74
N SER A 1117 -44.98 -32.30 -7.55
CA SER A 1117 -46.39 -32.58 -7.30
C SER A 1117 -46.59 -33.65 -6.24
N SER A 1118 -45.69 -34.64 -6.17
CA SER A 1118 -46.00 -35.88 -5.48
C SER A 1118 -44.82 -36.42 -4.68
N LEU A 1119 -43.76 -35.62 -4.51
CA LEU A 1119 -42.51 -36.15 -3.97
C LEU A 1119 -42.72 -36.72 -2.58
N GLN A 1120 -42.04 -37.83 -2.31
CA GLN A 1120 -42.12 -38.55 -1.05
C GLN A 1120 -40.78 -38.62 -0.33
N ASP A 1121 -39.67 -38.53 -1.05
CA ASP A 1121 -38.33 -38.61 -0.49
C ASP A 1121 -37.73 -37.21 -0.46
N PHE A 1122 -37.22 -36.82 0.72
CA PHE A 1122 -36.81 -35.43 0.96
C PHE A 1122 -35.59 -35.49 1.88
N ASP A 1123 -34.41 -35.58 1.26
CA ASP A 1123 -33.16 -35.44 1.99
C ASP A 1123 -32.07 -35.03 1.01
N ILE A 1124 -31.00 -34.45 1.57
CA ILE A 1124 -30.02 -33.74 0.76
C ILE A 1124 -29.36 -34.67 -0.25
N ARG A 1125 -29.23 -35.96 0.08
CA ARG A 1125 -28.60 -36.90 -0.83
C ARG A 1125 -29.33 -36.99 -2.16
N ALA A 1126 -30.66 -37.04 -2.13
CA ALA A 1126 -31.43 -37.02 -3.37
C ALA A 1126 -31.44 -35.65 -4.02
N ILE A 1127 -31.64 -34.59 -3.23
CA ILE A 1127 -31.97 -33.28 -3.80
C ILE A 1127 -30.77 -32.53 -4.37
N LEU A 1128 -29.56 -32.81 -3.90
CA LEU A 1128 -28.39 -32.09 -4.41
C LEU A 1128 -28.26 -32.22 -5.91
N ASP A 1129 -27.90 -31.10 -6.56
CA ASP A 1129 -27.52 -31.07 -7.97
C ASP A 1129 -26.07 -31.54 -8.14
N TRP A 1130 -25.85 -32.81 -7.83
CA TRP A 1130 -24.51 -33.31 -7.54
C TRP A 1130 -23.47 -32.85 -8.57
N ASP A 1131 -23.71 -33.15 -9.84
CA ASP A 1131 -22.64 -33.01 -10.82
C ASP A 1131 -22.26 -31.56 -11.14
N TYR A 1132 -23.04 -30.59 -10.69
CA TYR A 1132 -22.57 -29.20 -10.75
C TYR A 1132 -21.25 -29.05 -10.01
N TYR A 1133 -21.16 -29.64 -8.82
CA TYR A 1133 -19.90 -29.60 -8.09
C TYR A 1133 -18.83 -30.43 -8.78
N ILE A 1134 -19.20 -31.51 -9.47
CA ILE A 1134 -18.23 -32.21 -10.29
C ILE A 1134 -17.68 -31.29 -11.36
N GLU A 1135 -18.53 -30.45 -11.94
CA GLU A 1135 -18.01 -29.47 -12.88
C GLU A 1135 -17.04 -28.53 -12.18
N ARG A 1136 -17.38 -28.08 -10.97
CA ARG A 1136 -16.44 -27.25 -10.23
C ARG A 1136 -15.11 -27.97 -10.08
N LEU A 1137 -15.15 -29.27 -9.77
CA LEU A 1137 -13.91 -30.04 -9.68
C LEU A 1137 -13.28 -30.17 -11.05
N GLY A 1138 -14.08 -30.52 -12.07
CA GLY A 1138 -13.54 -30.68 -13.41
C GLY A 1138 -12.84 -29.43 -13.93
N SER A 1139 -13.33 -28.26 -13.58
CA SER A 1139 -12.71 -27.01 -13.99
C SER A 1139 -11.52 -26.61 -13.13
N ALA A 1140 -11.32 -27.24 -11.97
CA ALA A 1140 -10.05 -27.10 -11.27
C ALA A 1140 -8.99 -28.09 -11.78
N ILE A 1141 -9.29 -29.39 -11.68
CA ILE A 1141 -8.30 -30.41 -12.02
C ILE A 1141 -7.82 -30.27 -13.46
N GLN A 1142 -8.64 -29.74 -14.35
CA GLN A 1142 -8.21 -29.44 -15.71
C GLN A 1142 -6.94 -28.58 -15.72
N LYS A 1143 -7.00 -27.44 -15.03
CA LYS A 1143 -5.99 -26.39 -15.23
C LYS A 1143 -4.68 -26.66 -14.52
N ILE A 1144 -4.72 -27.31 -13.36
CA ILE A 1144 -3.49 -27.59 -12.62
C ILE A 1144 -2.75 -28.85 -13.08
N ILE A 1145 -3.44 -29.82 -13.67
CA ILE A 1145 -2.81 -31.12 -13.92
C ILE A 1145 -2.87 -31.53 -15.39
N THR A 1146 -4.07 -31.70 -15.93
CA THR A 1146 -4.20 -32.38 -17.22
C THR A 1146 -3.50 -31.61 -18.34
N ILE A 1147 -3.77 -30.31 -18.46
CA ILE A 1147 -3.15 -29.52 -19.52
C ILE A 1147 -1.63 -29.55 -19.41
N PRO A 1148 -1.02 -29.28 -18.25
CA PRO A 1148 0.44 -29.46 -18.13
C PRO A 1148 0.93 -30.83 -18.60
N ALA A 1149 0.25 -31.90 -18.19
CA ALA A 1149 0.68 -33.25 -18.56
C ALA A 1149 0.62 -33.50 -20.06
N ALA A 1150 -0.40 -32.99 -20.73
CA ALA A 1150 -0.46 -33.09 -22.19
C ALA A 1150 0.56 -32.17 -22.87
N LEU A 1151 0.78 -30.99 -22.31
CA LEU A 1151 1.67 -30.02 -22.93
C LEU A 1151 3.10 -30.54 -23.07
N GLN A 1152 3.55 -31.40 -22.15
CA GLN A 1152 4.86 -32.03 -22.27
C GLN A 1152 4.76 -33.53 -22.54
N GLN A 1153 3.72 -33.94 -23.27
CA GLN A 1153 3.63 -35.28 -23.86
C GLN A 1153 3.71 -36.37 -22.80
N VAL A 1154 2.74 -36.34 -21.88
CA VAL A 1154 2.49 -37.46 -20.99
C VAL A 1154 1.04 -37.90 -21.17
N LYS A 1155 0.81 -39.20 -20.97
CA LYS A 1155 -0.52 -39.76 -21.15
C LYS A 1155 -1.52 -39.01 -20.28
N ASN A 1156 -2.77 -38.95 -20.75
CA ASN A 1156 -3.82 -38.30 -20.00
C ASN A 1156 -3.90 -38.91 -18.59
N PRO A 1157 -3.62 -38.13 -17.55
CA PRO A 1157 -3.50 -38.72 -16.20
C PRO A 1157 -4.82 -38.97 -15.49
N VAL A 1158 -5.96 -38.74 -16.13
CA VAL A 1158 -7.24 -39.08 -15.51
C VAL A 1158 -8.28 -39.48 -16.55
N PRO A 1159 -8.63 -40.77 -16.66
CA PRO A 1159 -9.64 -41.16 -17.64
C PRO A 1159 -10.98 -40.48 -17.44
N ARG A 1160 -11.31 -40.13 -16.19
CA ARG A 1160 -12.62 -39.60 -15.89
C ARG A 1160 -12.90 -38.27 -16.57
N VAL A 1161 -11.86 -37.51 -16.91
CA VAL A 1161 -12.03 -36.16 -17.42
C VAL A 1161 -11.45 -36.08 -18.83
N LYS A 1162 -12.06 -35.23 -19.65
CA LYS A 1162 -11.73 -35.11 -21.06
C LYS A 1162 -11.14 -33.74 -21.38
N HIS A 1163 -10.22 -33.73 -22.33
CA HIS A 1163 -9.56 -32.49 -22.72
C HIS A 1163 -10.57 -31.52 -23.34
N PRO A 1164 -10.37 -30.21 -23.18
CA PRO A 1164 -11.20 -29.26 -23.91
C PRO A 1164 -10.98 -29.39 -25.41
N ASP A 1165 -12.09 -29.28 -26.15
CA ASP A 1165 -12.12 -29.84 -27.50
C ASP A 1165 -11.00 -29.30 -28.37
N TRP A 1166 -10.68 -28.01 -28.24
CA TRP A 1166 -9.62 -27.45 -29.07
C TRP A 1166 -8.30 -28.17 -28.82
N LEU A 1167 -8.00 -28.46 -27.55
CA LEU A 1167 -6.75 -29.15 -27.25
C LEU A 1167 -6.76 -30.54 -27.87
N HIS A 1168 -7.92 -31.20 -27.86
CA HIS A 1168 -7.99 -32.54 -28.40
C HIS A 1168 -7.71 -32.52 -29.90
N LYS A 1169 -8.34 -31.58 -30.62
CA LYS A 1169 -8.17 -31.50 -32.06
C LYS A 1169 -6.73 -31.16 -32.43
N LYS A 1170 -6.08 -30.29 -31.66
CA LYS A 1170 -4.66 -30.04 -31.88
C LYS A 1170 -3.83 -31.28 -31.61
N LEU A 1171 -4.05 -31.94 -30.47
CA LEU A 1171 -3.19 -33.06 -30.09
C LEU A 1171 -3.34 -34.20 -31.09
N LEU A 1172 -4.58 -34.51 -31.48
CA LEU A 1172 -4.83 -35.50 -32.51
C LEU A 1172 -4.18 -35.12 -33.84
N GLU A 1173 -4.21 -33.83 -34.21
CA GLU A 1173 -3.54 -33.43 -35.46
C GLU A 1173 -2.04 -33.66 -35.37
N LYS A 1174 -1.40 -33.19 -34.30
CA LYS A 1174 0.04 -33.39 -34.18
C LYS A 1174 0.38 -34.86 -33.92
N ASN A 1175 -0.50 -35.58 -33.24
CA ASN A 1175 -0.36 -37.03 -33.10
C ASN A 1175 -1.70 -37.73 -33.30
FE1 SF4 D . 19.62 24.37 -22.70
FE2 SF4 D . 20.87 25.33 -20.45
FE3 SF4 D . 22.02 23.31 -21.92
FE4 SF4 D . 19.76 22.82 -20.44
S1 SF4 D . 21.81 23.41 -19.64
S2 SF4 D . 20.17 22.16 -22.58
S3 SF4 D . 18.66 24.81 -20.67
S4 SF4 D . 21.62 25.45 -22.60
#